data_8G2S
#
_entry.id   8G2S
#
_cell.length_a   44.240
_cell.length_b   51.250
_cell.length_c   92.460
_cell.angle_alpha   92.01
_cell.angle_beta   102.87
_cell.angle_gamma   109.91
#
_symmetry.space_group_name_H-M   'P 1'
#
loop_
_entity.id
_entity.type
_entity.pdbx_description
1 polymer 'Alcohol dehydrogenase E chain'
2 non-polymer 'ZINC ION'
3 non-polymer 'NICOTINAMIDE-ADENINE-DINUCLEOTIDE (ACIDIC FORM)'
4 non-polymer 'DECANOIC ACID'
5 non-polymer (4S)-2-METHYL-2,4-PENTANEDIOL
6 non-polymer (4R)-2-METHYLPENTANE-2,4-DIOL
7 water water
#
_entity_poly.entity_id   1
_entity_poly.type   'polypeptide(L)'
_entity_poly.pdbx_seq_one_letter_code
;STAGKVIKCKAAVLWEEKKPFSIEEVEVAPPKAHEVRIKMVATGICRSDDQVVSGTLVTPLPVIAGHEAAGIVESIGEGV
TTVRPGDKVIPLFTPQCGKCRVCKHPEGNFCLKNDLSMPRGTMQDGTSRFTCRGKPIHHFLGTSTFSQYTVVDEISVAKI
DAASPLEKVCLIGCGFSTGYGSAVKVAKVTQGSTCAVFGLGGVGLSVIMGCKAAGAARIIGVDINKDKFAKAKEVGATEC
VNPQDYKKPIQEVLTEMSNGGVDFSFEVIGRLDTMVTALSCCQEAYGVSVIVGVPPDSQNLSMNPMLLLSGRTWKGAIFG
GFKSKDSVPKLVADFMAKKFALDPLITHVLPFEKINEGFDLLRSGESIRTILTF
;
_entity_poly.pdbx_strand_id   A,B
#
# COMPACT_ATOMS: atom_id res chain seq x y z
N SER A 1 38.90 -18.66 29.27
CA SER A 1 39.12 -17.44 30.10
C SER A 1 39.55 -16.27 29.20
N THR A 2 38.78 -15.99 28.15
CA THR A 2 38.79 -14.67 27.46
C THR A 2 37.70 -13.77 28.07
N ALA A 3 36.85 -14.30 28.93
CA ALA A 3 35.76 -13.53 29.58
C ALA A 3 36.39 -12.29 30.24
N GLY A 4 35.81 -11.11 29.97
CA GLY A 4 36.22 -9.80 30.51
C GLY A 4 37.49 -9.30 29.90
N LYS A 5 38.07 -9.98 28.94
CA LYS A 5 39.34 -9.53 28.30
C LYS A 5 39.08 -9.03 26.88
N VAL A 6 39.88 -8.12 26.43
CA VAL A 6 39.90 -7.74 25.00
C VAL A 6 40.29 -8.98 24.22
N ILE A 7 39.63 -9.27 23.11
CA ILE A 7 40.04 -10.32 22.16
C ILE A 7 40.65 -9.70 20.90
N LYS A 8 41.84 -10.14 20.50
CA LYS A 8 42.42 -9.81 19.20
C LYS A 8 42.03 -10.93 18.27
N CYS A 9 41.49 -10.56 17.12
CA CYS A 9 41.02 -11.58 16.15
C CYS A 9 41.02 -10.95 14.76
N LYS A 10 40.80 -11.75 13.72
CA LYS A 10 40.71 -11.24 12.34
C LYS A 10 39.26 -10.82 12.03
N ALA A 11 39.15 -9.75 11.29
CA ALA A 11 37.88 -9.23 10.75
C ALA A 11 38.12 -8.74 9.34
N ALA A 12 37.04 -8.56 8.60
CA ALA A 12 37.07 -7.96 7.26
C ALA A 12 36.65 -6.52 7.45
N VAL A 13 37.61 -5.63 7.39
CA VAL A 13 37.33 -4.19 7.63
C VAL A 13 37.14 -3.53 6.26
N LEU A 14 36.12 -2.70 6.12
CA LEU A 14 35.87 -1.86 4.94
C LEU A 14 36.28 -0.44 5.32
N TRP A 15 37.41 -0.02 4.77
CA TRP A 15 37.97 1.31 5.09
C TRP A 15 37.34 2.38 4.19
N GLU A 16 36.94 2.03 2.97
CA GLU A 16 36.54 2.98 1.90
C GLU A 16 35.51 2.29 1.02
N GLU A 17 34.58 3.05 0.46
CA GLU A 17 33.66 2.52 -0.57
C GLU A 17 34.43 1.98 -1.76
N LYS A 18 33.83 1.03 -2.47
CA LYS A 18 34.25 0.54 -3.79
C LYS A 18 35.67 -0.03 -3.73
N LYS A 19 36.09 -0.52 -2.57
CA LYS A 19 37.39 -1.18 -2.34
C LYS A 19 37.16 -2.57 -1.78
N PRO A 20 38.12 -3.51 -1.97
CA PRO A 20 38.12 -4.80 -1.31
C PRO A 20 38.10 -4.63 0.22
N PHE A 21 37.51 -5.62 0.87
CA PHE A 21 37.63 -5.76 2.32
C PHE A 21 39.09 -6.01 2.66
N SER A 22 39.53 -5.50 3.80
CA SER A 22 40.87 -5.78 4.34
C SER A 22 40.76 -6.78 5.48
N ILE A 23 41.27 -7.98 5.33
CA ILE A 23 41.28 -9.01 6.39
C ILE A 23 42.48 -8.71 7.26
N GLU A 24 42.24 -8.29 8.47
CA GLU A 24 43.31 -7.87 9.40
C GLU A 24 42.82 -7.91 10.84
N GLU A 25 43.78 -7.81 11.76
CA GLU A 25 43.56 -7.93 13.20
C GLU A 25 42.76 -6.73 13.69
N VAL A 26 41.75 -7.00 14.48
CA VAL A 26 40.98 -6.00 15.23
C VAL A 26 41.05 -6.38 16.71
N GLU A 27 40.70 -5.43 17.56
CA GLU A 27 40.50 -5.65 19.02
C GLU A 27 39.00 -5.53 19.27
N VAL A 28 38.48 -6.57 19.89
CA VAL A 28 37.04 -6.66 20.28
C VAL A 28 36.94 -6.55 21.79
N ALA A 29 36.37 -5.45 22.26
CA ALA A 29 36.19 -5.18 23.68
C ALA A 29 35.30 -6.27 24.27
N PRO A 30 35.39 -6.56 25.56
CA PRO A 30 34.40 -7.40 26.23
C PRO A 30 33.02 -6.77 26.31
N PRO A 31 31.97 -7.60 26.47
CA PRO A 31 30.61 -7.10 26.51
C PRO A 31 30.36 -6.27 27.78
N LYS A 32 29.68 -5.13 27.59
CA LYS A 32 29.16 -4.30 28.71
C LYS A 32 27.83 -4.88 29.15
N ALA A 33 27.15 -4.21 30.08
CA ALA A 33 25.82 -4.67 30.55
C ALA A 33 24.88 -4.92 29.36
N HIS A 34 24.22 -6.08 29.39
CA HIS A 34 23.17 -6.44 28.40
C HIS A 34 23.76 -6.59 26.99
N GLU A 35 25.03 -6.94 26.89
CA GLU A 35 25.74 -7.19 25.62
C GLU A 35 26.27 -8.61 25.63
N VAL A 36 26.46 -9.12 24.42
CA VAL A 36 26.80 -10.53 24.20
C VAL A 36 27.95 -10.57 23.22
N ARG A 37 29.03 -11.27 23.55
CA ARG A 37 30.15 -11.47 22.60
C ARG A 37 30.10 -12.90 22.02
N ILE A 38 30.16 -12.97 20.71
CA ILE A 38 29.83 -14.18 19.90
C ILE A 38 31.08 -14.54 19.09
N LYS A 39 31.45 -15.82 19.16
CA LYS A 39 32.43 -16.42 18.27
C LYS A 39 31.68 -16.81 17.00
N MET A 40 31.98 -16.17 15.89
CA MET A 40 31.22 -16.46 14.65
CA MET A 40 31.26 -16.44 14.62
C MET A 40 31.65 -17.80 14.08
N VAL A 41 30.70 -18.52 13.53
CA VAL A 41 30.97 -19.82 12.88
C VAL A 41 30.71 -19.70 11.40
N ALA A 42 29.59 -19.12 10.96
CA ALA A 42 29.36 -18.98 9.51
C ALA A 42 28.63 -17.65 9.24
N THR A 43 28.88 -17.06 8.08
CA THR A 43 28.17 -15.82 7.65
C THR A 43 27.95 -15.86 6.15
N GLY A 44 26.76 -15.45 5.72
CA GLY A 44 26.38 -15.34 4.31
C GLY A 44 26.77 -14.02 3.71
N ILE A 45 26.94 -14.00 2.41
CA ILE A 45 27.16 -12.74 1.65
C ILE A 45 25.84 -12.32 1.03
N CYS A 46 25.20 -11.33 1.61
CA CYS A 46 23.91 -10.75 1.16
C CYS A 46 24.20 -9.55 0.22
N ARG A 47 23.36 -9.34 -0.75
CA ARG A 47 23.51 -8.15 -1.63
C ARG A 47 23.55 -6.88 -0.77
N SER A 48 22.86 -6.80 0.36
CA SER A 48 22.88 -5.53 1.12
C SER A 48 24.32 -5.28 1.61
N ASP A 49 25.14 -6.30 1.93
CA ASP A 49 26.53 -6.03 2.35
C ASP A 49 27.26 -5.43 1.13
N ASP A 50 27.01 -5.90 -0.07
CA ASP A 50 27.62 -5.32 -1.29
C ASP A 50 27.14 -3.89 -1.48
N GLN A 51 25.88 -3.58 -1.15
CA GLN A 51 25.34 -2.24 -1.34
C GLN A 51 26.16 -1.30 -0.45
N VAL A 52 26.64 -1.75 0.72
CA VAL A 52 27.50 -0.91 1.58
C VAL A 52 28.78 -0.61 0.80
N VAL A 53 29.39 -1.60 0.22
CA VAL A 53 30.63 -1.37 -0.58
C VAL A 53 30.32 -0.39 -1.71
N SER A 54 29.21 -0.53 -2.42
CA SER A 54 28.83 0.28 -3.61
C SER A 54 28.56 1.72 -3.16
N GLY A 55 28.20 1.93 -1.89
CA GLY A 55 27.77 3.23 -1.38
C GLY A 55 26.30 3.52 -1.63
N THR A 56 25.54 2.52 -2.10
CA THR A 56 24.08 2.69 -2.35
C THR A 56 23.24 2.39 -1.10
N LEU A 57 23.82 1.68 -0.14
CA LEU A 57 23.28 1.57 1.24
C LEU A 57 24.28 2.26 2.15
N VAL A 58 23.85 3.39 2.69
CA VAL A 58 24.76 4.29 3.43
C VAL A 58 24.79 3.89 4.91
N THR A 59 26.01 3.68 5.40
CA THR A 59 26.27 3.47 6.84
C THR A 59 27.65 4.03 7.09
N PRO A 60 27.93 4.54 8.31
CA PRO A 60 29.27 5.12 8.53
C PRO A 60 30.44 4.17 8.27
N LEU A 61 31.45 4.67 7.60
CA LEU A 61 32.73 3.95 7.40
C LEU A 61 33.81 4.61 8.26
N PRO A 62 34.89 3.89 8.63
CA PRO A 62 35.12 2.49 8.30
C PRO A 62 34.17 1.60 9.12
N VAL A 63 33.93 0.39 8.56
CA VAL A 63 32.90 -0.52 9.15
C VAL A 63 33.33 -1.97 9.04
N ILE A 64 32.83 -2.74 10.00
CA ILE A 64 32.76 -4.23 9.88
C ILE A 64 31.31 -4.53 9.47
N ALA A 65 31.16 -4.95 8.23
CA ALA A 65 29.83 -5.29 7.69
C ALA A 65 29.53 -6.74 8.06
N GLY A 66 28.53 -7.27 7.37
CA GLY A 66 28.04 -8.62 7.63
C GLY A 66 26.88 -8.56 8.60
N HIS A 67 25.78 -9.24 8.28
CA HIS A 67 24.57 -9.28 9.12
C HIS A 67 23.82 -10.62 9.05
N GLU A 68 24.20 -11.53 8.19
CA GLU A 68 23.48 -12.85 7.98
C GLU A 68 24.40 -13.92 8.53
N ALA A 69 24.21 -14.41 9.74
CA ALA A 69 25.29 -15.21 10.36
C ALA A 69 24.74 -16.07 11.50
N ALA A 70 25.63 -16.89 12.00
CA ALA A 70 25.38 -17.71 13.19
C ALA A 70 26.71 -18.01 13.87
N GLY A 71 26.62 -18.07 15.19
CA GLY A 71 27.81 -18.35 15.98
C GLY A 71 27.46 -18.92 17.34
N ILE A 72 28.47 -18.90 18.22
CA ILE A 72 28.39 -19.51 19.57
C ILE A 72 28.77 -18.44 20.59
N VAL A 73 27.96 -18.24 21.61
CA VAL A 73 28.24 -17.20 22.64
C VAL A 73 29.59 -17.49 23.34
N GLU A 74 30.46 -16.49 23.37
CA GLU A 74 31.78 -16.59 24.05
C GLU A 74 31.60 -16.07 25.47
N SER A 75 30.87 -14.98 25.68
CA SER A 75 30.64 -14.41 27.02
C SER A 75 29.42 -13.50 27.01
N ILE A 76 28.87 -13.24 28.18
CA ILE A 76 27.70 -12.35 28.34
C ILE A 76 28.05 -11.27 29.33
N GLY A 77 27.56 -10.07 29.08
CA GLY A 77 27.70 -8.95 30.00
C GLY A 77 26.73 -9.09 31.16
N GLU A 78 26.91 -8.23 32.15
CA GLU A 78 26.02 -8.17 33.33
C GLU A 78 24.57 -8.03 32.87
N GLY A 79 23.69 -8.80 33.47
CA GLY A 79 22.26 -8.57 33.31
C GLY A 79 21.66 -9.33 32.15
N VAL A 80 22.48 -10.01 31.34
CA VAL A 80 21.95 -10.82 30.20
C VAL A 80 21.17 -12.02 30.76
N THR A 81 19.99 -12.29 30.24
CA THR A 81 19.15 -13.41 30.72
C THR A 81 18.72 -14.37 29.62
N THR A 82 18.86 -14.01 28.34
CA THR A 82 18.24 -14.76 27.22
C THR A 82 19.24 -15.64 26.46
N VAL A 83 20.54 -15.53 26.72
CA VAL A 83 21.55 -16.46 26.20
C VAL A 83 22.58 -16.71 27.28
N ARG A 84 23.38 -17.73 27.07
CA ARG A 84 24.51 -18.10 27.93
C ARG A 84 25.70 -18.53 27.10
N PRO A 85 26.91 -18.45 27.67
CA PRO A 85 28.10 -18.91 27.01
C PRO A 85 27.87 -20.36 26.53
N GLY A 86 28.28 -20.62 25.28
CA GLY A 86 28.17 -21.91 24.60
C GLY A 86 26.85 -22.08 23.85
N ASP A 87 25.90 -21.17 24.03
CA ASP A 87 24.64 -21.25 23.23
C ASP A 87 24.94 -20.93 21.76
N LYS A 88 24.28 -21.62 20.85
CA LYS A 88 24.22 -21.22 19.42
C LYS A 88 23.21 -20.09 19.27
N VAL A 89 23.63 -19.11 18.46
CA VAL A 89 22.85 -17.85 18.34
C VAL A 89 22.91 -17.34 16.91
N ILE A 90 21.86 -16.62 16.53
CA ILE A 90 21.80 -15.81 15.28
C ILE A 90 21.67 -14.35 15.68
N PRO A 91 22.63 -13.49 15.23
CA PRO A 91 22.48 -12.04 15.43
C PRO A 91 21.27 -11.55 14.63
N LEU A 92 20.56 -10.60 15.22
CA LEU A 92 19.31 -10.04 14.67
C LEU A 92 19.59 -8.64 14.18
N PHE A 93 19.71 -8.45 12.86
CA PHE A 93 19.96 -7.07 12.33
C PHE A 93 18.75 -6.17 12.55
N THR A 94 17.54 -6.71 12.66
CA THR A 94 16.34 -5.99 13.12
C THR A 94 16.19 -6.41 14.58
N PRO A 95 16.42 -5.55 15.57
CA PRO A 95 16.30 -5.98 16.96
C PRO A 95 14.86 -6.30 17.37
N GLN A 96 14.66 -6.85 18.56
CA GLN A 96 13.31 -6.96 19.17
C GLN A 96 13.42 -6.63 20.65
N CYS A 97 13.28 -5.34 20.94
CA CYS A 97 13.43 -4.85 22.35
C CYS A 97 12.28 -5.39 23.23
N GLY A 98 11.13 -5.68 22.64
CA GLY A 98 9.96 -6.21 23.33
C GLY A 98 9.22 -5.15 24.11
N LYS A 99 9.63 -3.88 24.08
CA LYS A 99 9.08 -2.80 24.96
C LYS A 99 8.45 -1.64 24.19
N CYS A 100 8.89 -1.38 22.95
CA CYS A 100 8.47 -0.18 22.18
C CYS A 100 7.09 -0.43 21.56
N ARG A 101 6.48 0.62 21.03
CA ARG A 101 5.12 0.56 20.49
C ARG A 101 5.09 -0.46 19.34
N VAL A 102 6.19 -0.59 18.59
CA VAL A 102 6.24 -1.53 17.43
C VAL A 102 6.34 -2.95 17.94
N CYS A 103 7.22 -3.24 18.87
CA CYS A 103 7.35 -4.62 19.41
C CYS A 103 6.04 -5.10 20.04
N LYS A 104 5.24 -4.16 20.61
CA LYS A 104 3.94 -4.49 21.27
C LYS A 104 2.83 -4.62 20.24
N HIS A 105 3.04 -4.18 19.02
CA HIS A 105 1.97 -4.20 18.01
C HIS A 105 1.91 -5.58 17.38
N PRO A 106 0.73 -6.15 17.12
CA PRO A 106 0.67 -7.49 16.56
C PRO A 106 1.32 -7.66 15.20
N GLU A 107 1.37 -6.62 14.38
CA GLU A 107 1.91 -6.67 12.99
CA GLU A 107 1.90 -6.72 12.99
C GLU A 107 3.18 -5.84 12.79
C GLU A 107 3.37 -6.27 13.00
N GLY A 108 3.74 -5.26 13.83
N GLY A 108 3.70 -5.22 13.73
CA GLY A 108 5.02 -4.52 13.66
C GLY A 108 6.23 -5.41 13.89
N ASN A 109 7.31 -5.18 13.13
CA ASN A 109 8.62 -5.80 13.48
C ASN A 109 9.76 -4.78 13.47
N PHE A 110 9.54 -3.58 12.96
CA PHE A 110 10.65 -2.60 12.77
C PHE A 110 10.85 -1.84 14.07
N CYS A 111 11.44 -2.57 15.00
CA CYS A 111 11.65 -2.11 16.39
C CYS A 111 12.34 -0.75 16.38
N LEU A 112 11.89 0.14 17.26
CA LEU A 112 12.41 1.51 17.35
C LEU A 112 13.87 1.55 17.78
N LYS A 113 14.47 0.46 18.25
CA LYS A 113 15.92 0.47 18.60
C LYS A 113 16.79 0.16 17.38
N ASN A 114 16.20 -0.06 16.23
CA ASN A 114 16.93 -0.41 15.01
C ASN A 114 17.99 0.64 14.67
N ASP A 115 19.04 0.20 14.01
CA ASP A 115 20.08 1.09 13.44
C ASP A 115 19.96 1.08 11.91
N LEU A 116 18.74 0.91 11.37
CA LEU A 116 18.48 0.86 9.90
C LEU A 116 17.95 2.18 9.36
N SER A 117 17.04 2.87 10.04
CA SER A 117 16.36 4.07 9.46
C SER A 117 17.35 5.24 9.45
N MET A 118 18.23 5.35 10.41
CA MET A 118 19.23 6.46 10.46
CA MET A 118 19.24 6.45 10.46
C MET A 118 20.56 5.87 10.97
N PRO A 119 21.29 5.11 10.14
CA PRO A 119 22.39 4.29 10.67
C PRO A 119 23.46 5.14 11.36
N ARG A 120 23.79 4.79 12.60
CA ARG A 120 24.93 5.40 13.36
C ARG A 120 26.13 4.45 13.36
N GLY A 121 25.97 3.15 13.15
CA GLY A 121 27.11 2.23 13.18
C GLY A 121 27.69 2.09 14.56
N THR A 122 26.87 2.00 15.59
CA THR A 122 27.32 1.79 16.97
C THR A 122 26.52 0.70 17.67
N MET A 123 26.93 0.36 18.86
CA MET A 123 26.09 -0.36 19.84
C MET A 123 24.91 0.52 20.29
N GLN A 124 23.97 -0.04 21.04
CA GLN A 124 22.85 0.77 21.58
C GLN A 124 23.36 1.96 22.38
N ASP A 125 24.49 1.82 23.06
CA ASP A 125 25.00 2.93 23.93
C ASP A 125 25.73 4.02 23.12
N GLY A 126 25.80 3.94 21.80
CA GLY A 126 26.40 4.94 20.93
C GLY A 126 27.91 4.90 20.86
N THR A 127 28.51 3.80 21.28
CA THR A 127 29.95 3.55 21.18
C THR A 127 30.23 2.29 20.36
N SER A 128 31.49 2.04 20.06
CA SER A 128 31.97 0.88 19.30
C SER A 128 32.77 -0.05 20.20
N ARG A 129 32.68 -1.35 19.94
CA ARG A 129 33.48 -2.39 20.61
C ARG A 129 34.69 -2.75 19.76
N PHE A 130 34.94 -2.13 18.62
CA PHE A 130 35.95 -2.52 17.62
C PHE A 130 37.02 -1.42 17.48
N THR A 131 38.27 -1.85 17.53
CA THR A 131 39.45 -0.99 17.24
C THR A 131 40.25 -1.68 16.15
N CYS A 132 40.82 -0.92 15.23
CA CYS A 132 41.72 -1.48 14.21
C CYS A 132 42.80 -0.44 13.90
N ARG A 133 44.05 -0.85 14.02
CA ARG A 133 45.19 0.06 13.83
C ARG A 133 45.08 1.18 14.85
N GLY A 134 44.49 0.90 16.01
CA GLY A 134 44.27 1.89 17.07
C GLY A 134 43.10 2.81 16.76
N LYS A 135 42.36 2.63 15.66
CA LYS A 135 41.23 3.52 15.28
C LYS A 135 39.90 2.82 15.57
N PRO A 136 38.88 3.52 16.08
CA PRO A 136 37.55 2.95 16.27
C PRO A 136 36.95 2.63 14.89
N ILE A 137 36.25 1.47 14.82
CA ILE A 137 35.58 0.98 13.59
C ILE A 137 34.09 0.86 13.89
N HIS A 138 33.27 1.27 12.95
CA HIS A 138 31.79 1.23 13.04
CA HIS A 138 31.81 1.19 13.18
C HIS A 138 31.31 -0.25 13.08
N HIS A 139 30.23 -0.42 13.77
CA HIS A 139 29.34 -1.61 13.64
C HIS A 139 28.45 -1.38 12.44
N PHE A 140 27.76 -2.45 12.08
CA PHE A 140 26.77 -2.45 10.96
C PHE A 140 25.50 -3.16 11.43
N LEU A 141 24.40 -2.41 11.46
CA LEU A 141 23.02 -2.87 11.81
C LEU A 141 23.08 -3.59 13.16
N GLY A 142 24.00 -3.24 14.05
CA GLY A 142 24.07 -3.84 15.39
C GLY A 142 24.52 -5.28 15.32
N THR A 143 25.12 -5.73 14.23
CA THR A 143 25.52 -7.15 14.08
C THR A 143 27.02 -7.28 13.75
N SER A 144 27.53 -6.79 12.63
CA SER A 144 28.97 -6.84 12.28
C SER A 144 29.48 -8.26 12.33
N THR A 145 29.07 -9.07 11.38
CA THR A 145 29.32 -10.51 11.41
C THR A 145 30.52 -10.88 10.58
N PHE A 146 31.16 -9.93 9.84
CA PHE A 146 32.41 -10.26 9.11
C PHE A 146 33.59 -10.14 10.06
N SER A 147 33.57 -10.91 11.13
CA SER A 147 34.62 -10.88 12.16
C SER A 147 34.58 -12.22 12.86
N GLN A 148 35.74 -12.69 13.30
CA GLN A 148 35.80 -13.91 14.12
C GLN A 148 34.98 -13.75 15.41
N TYR A 149 34.97 -12.54 15.97
CA TYR A 149 34.18 -12.21 17.18
C TYR A 149 33.44 -10.91 16.94
N THR A 150 32.22 -10.82 17.40
CA THR A 150 31.46 -9.57 17.43
C THR A 150 30.84 -9.42 18.81
N VAL A 151 30.39 -8.20 19.07
CA VAL A 151 29.61 -7.88 20.27
C VAL A 151 28.30 -7.26 19.83
N VAL A 152 27.21 -7.81 20.33
CA VAL A 152 25.86 -7.30 20.03
C VAL A 152 25.10 -7.01 21.31
N ASP A 153 24.13 -6.14 21.17
CA ASP A 153 23.16 -5.90 22.24
C ASP A 153 22.30 -7.14 22.42
N GLU A 154 21.82 -7.38 23.64
CA GLU A 154 20.98 -8.57 23.89
C GLU A 154 19.74 -8.57 22.99
N ILE A 155 19.14 -7.41 22.75
CA ILE A 155 17.91 -7.33 21.91
C ILE A 155 18.23 -7.66 20.45
N SER A 156 19.50 -7.83 20.10
CA SER A 156 19.94 -8.13 18.71
C SER A 156 20.52 -9.55 18.64
N VAL A 157 20.10 -10.45 19.53
CA VAL A 157 20.56 -11.84 19.38
C VAL A 157 19.47 -12.80 19.84
N ALA A 158 19.37 -13.93 19.17
CA ALA A 158 18.43 -15.04 19.51
C ALA A 158 19.20 -16.33 19.73
N LYS A 159 18.84 -17.00 20.81
CA LYS A 159 19.28 -18.39 21.07
C LYS A 159 18.54 -19.34 20.12
N ILE A 160 19.28 -20.26 19.50
CA ILE A 160 18.67 -21.27 18.61
C ILE A 160 19.02 -22.67 19.08
N ASP A 161 18.43 -23.65 18.41
CA ASP A 161 18.56 -25.08 18.81
CA ASP A 161 18.58 -25.08 18.76
C ASP A 161 20.06 -25.44 18.89
N ALA A 162 20.46 -26.09 20.00
CA ALA A 162 21.86 -26.49 20.19
C ALA A 162 22.37 -27.43 19.11
N ALA A 163 21.49 -28.19 18.44
CA ALA A 163 21.87 -29.14 17.36
C ALA A 163 21.82 -28.50 15.95
N SER A 164 21.57 -27.20 15.82
CA SER A 164 21.45 -26.44 14.55
C SER A 164 22.74 -26.56 13.74
N PRO A 165 22.71 -26.80 12.41
CA PRO A 165 23.89 -26.73 11.58
C PRO A 165 24.11 -25.24 11.21
N LEU A 166 25.08 -24.63 11.84
CA LEU A 166 25.21 -23.17 11.73
C LEU A 166 25.59 -22.72 10.31
N GLU A 167 26.28 -23.57 9.53
CA GLU A 167 26.67 -23.25 8.14
C GLU A 167 25.45 -23.25 7.20
N LYS A 168 24.29 -23.69 7.67
CA LYS A 168 23.02 -23.59 6.91
C LYS A 168 22.14 -22.51 7.54
N VAL A 169 21.95 -22.54 8.86
CA VAL A 169 20.87 -21.73 9.47
C VAL A 169 21.31 -20.26 9.54
N CYS A 170 22.58 -19.94 9.25
CA CYS A 170 22.92 -18.50 9.12
C CYS A 170 21.99 -17.82 8.14
N LEU A 171 21.45 -18.53 7.13
CA LEU A 171 20.56 -17.87 6.14
C LEU A 171 19.25 -17.42 6.78
N ILE A 172 18.84 -17.99 7.90
CA ILE A 172 17.65 -17.51 8.67
C ILE A 172 17.89 -16.09 9.23
N GLY A 173 19.15 -15.70 9.38
CA GLY A 173 19.50 -14.35 9.83
C GLY A 173 19.23 -13.30 8.77
N CYS A 174 19.03 -13.62 7.50
CA CYS A 174 18.59 -12.60 6.53
C CYS A 174 17.83 -13.23 5.36
N GLY A 175 18.51 -13.76 4.38
CA GLY A 175 17.85 -13.88 3.07
C GLY A 175 16.67 -14.84 3.09
N PHE A 176 16.78 -16.00 3.75
CA PHE A 176 15.66 -16.96 3.73
C PHE A 176 14.45 -16.31 4.41
N SER A 177 14.62 -15.79 5.63
CA SER A 177 13.50 -15.28 6.45
C SER A 177 12.85 -14.09 5.78
N THR A 178 13.69 -13.23 5.20
CA THR A 178 13.18 -12.05 4.49
C THR A 178 12.29 -12.51 3.33
N GLY A 179 12.75 -13.39 2.46
CA GLY A 179 11.95 -13.69 1.28
C GLY A 179 10.73 -14.52 1.64
N TYR A 180 10.93 -15.51 2.51
CA TYR A 180 9.84 -16.40 2.90
C TYR A 180 8.72 -15.62 3.61
N GLY A 181 9.07 -14.79 4.60
CA GLY A 181 8.14 -13.91 5.33
C GLY A 181 7.47 -12.90 4.41
N SER A 182 8.17 -12.35 3.42
CA SER A 182 7.55 -11.37 2.50
C SER A 182 6.34 -12.03 1.83
N ALA A 183 6.46 -13.30 1.51
CA ALA A 183 5.35 -14.04 0.87
C ALA A 183 4.28 -14.45 1.90
N VAL A 184 4.65 -15.16 2.94
CA VAL A 184 3.63 -15.82 3.82
C VAL A 184 3.07 -14.83 4.84
N LYS A 185 3.82 -13.84 5.28
CA LYS A 185 3.40 -12.96 6.38
C LYS A 185 2.98 -11.57 5.87
N VAL A 186 3.82 -10.95 5.02
CA VAL A 186 3.58 -9.56 4.56
C VAL A 186 2.52 -9.57 3.46
N ALA A 187 2.73 -10.28 2.34
CA ALA A 187 1.72 -10.38 1.27
C ALA A 187 0.56 -11.26 1.73
N LYS A 188 0.80 -12.31 2.48
CA LYS A 188 -0.23 -13.35 2.81
C LYS A 188 -0.77 -13.89 1.49
N VAL A 189 0.14 -14.41 0.69
CA VAL A 189 -0.17 -15.11 -0.58
C VAL A 189 -1.25 -16.18 -0.31
N THR A 190 -2.25 -16.24 -1.18
CA THR A 190 -3.37 -17.20 -1.08
C THR A 190 -3.24 -18.40 -2.02
N GLN A 191 -3.98 -19.45 -1.65
CA GLN A 191 -3.99 -20.68 -2.45
C GLN A 191 -4.64 -20.38 -3.81
N GLY A 192 -3.99 -20.84 -4.86
CA GLY A 192 -4.46 -20.73 -6.25
C GLY A 192 -4.19 -19.39 -6.89
N SER A 193 -3.45 -18.50 -6.21
CA SER A 193 -3.13 -17.15 -6.74
C SER A 193 -1.99 -17.20 -7.76
N THR A 194 -1.83 -16.08 -8.48
CA THR A 194 -0.72 -15.86 -9.42
C THR A 194 0.21 -14.80 -8.83
N CYS A 195 1.49 -15.17 -8.73
CA CYS A 195 2.52 -14.31 -8.10
C CYS A 195 3.58 -13.96 -9.15
N ALA A 196 4.15 -12.78 -9.11
CA ALA A 196 5.30 -12.38 -9.92
C ALA A 196 6.43 -11.98 -8.99
N VAL A 197 7.60 -12.53 -9.18
CA VAL A 197 8.78 -12.28 -8.33
C VAL A 197 9.87 -11.67 -9.17
N PHE A 198 10.19 -10.42 -8.89
CA PHE A 198 11.24 -9.63 -9.59
C PHE A 198 12.54 -9.78 -8.84
N GLY A 199 13.48 -10.50 -9.47
CA GLY A 199 14.79 -10.76 -8.88
C GLY A 199 14.87 -12.14 -8.32
N LEU A 200 15.78 -12.97 -8.83
CA LEU A 200 15.87 -14.42 -8.52
C LEU A 200 17.19 -14.73 -7.84
N GLY A 201 17.64 -13.83 -6.97
CA GLY A 201 18.74 -14.09 -6.05
C GLY A 201 18.30 -14.83 -4.80
N GLY A 202 19.13 -14.85 -3.77
CA GLY A 202 18.82 -15.58 -2.54
C GLY A 202 17.49 -15.19 -1.96
N VAL A 203 17.23 -13.89 -1.92
CA VAL A 203 15.95 -13.42 -1.32
C VAL A 203 14.76 -13.68 -2.24
N GLY A 204 14.87 -13.47 -3.55
CA GLY A 204 13.74 -13.79 -4.45
C GLY A 204 13.45 -15.29 -4.52
N LEU A 205 14.46 -16.12 -4.44
CA LEU A 205 14.19 -17.60 -4.39
C LEU A 205 13.44 -17.94 -3.12
N SER A 206 13.74 -17.29 -2.01
CA SER A 206 13.02 -17.48 -0.72
C SER A 206 11.59 -16.96 -0.82
N VAL A 207 11.35 -15.87 -1.55
CA VAL A 207 9.94 -15.46 -1.82
C VAL A 207 9.24 -16.58 -2.59
N ILE A 208 9.89 -17.12 -3.62
CA ILE A 208 9.25 -18.22 -4.39
C ILE A 208 8.94 -19.36 -3.42
N MET A 209 9.87 -19.76 -2.59
CA MET A 209 9.62 -20.85 -1.62
C MET A 209 8.36 -20.52 -0.84
N GLY A 210 8.19 -19.29 -0.37
CA GLY A 210 7.02 -18.87 0.42
C GLY A 210 5.75 -18.84 -0.42
N CYS A 211 5.83 -18.40 -1.67
CA CYS A 211 4.62 -18.43 -2.54
C CYS A 211 4.17 -19.89 -2.73
N LYS A 212 5.12 -20.79 -2.94
CA LYS A 212 4.79 -22.22 -3.23
C LYS A 212 4.23 -22.82 -1.92
N ALA A 213 4.78 -22.49 -0.77
CA ALA A 213 4.29 -22.99 0.52
C ALA A 213 2.85 -22.56 0.77
N ALA A 214 2.52 -21.35 0.32
CA ALA A 214 1.18 -20.74 0.50
C ALA A 214 0.21 -21.29 -0.55
N GLY A 215 0.68 -22.11 -1.48
CA GLY A 215 -0.24 -22.77 -2.44
C GLY A 215 -0.50 -21.97 -3.72
N ALA A 216 0.30 -20.96 -4.08
CA ALA A 216 0.09 -20.22 -5.34
C ALA A 216 -0.01 -21.22 -6.49
N ALA A 217 -0.88 -20.96 -7.42
CA ALA A 217 -0.98 -21.79 -8.65
C ALA A 217 0.08 -21.43 -9.68
N ARG A 218 0.47 -20.17 -9.75
CA ARG A 218 1.43 -19.68 -10.76
C ARG A 218 2.40 -18.74 -10.07
N ILE A 219 3.68 -18.95 -10.35
CA ILE A 219 4.77 -18.13 -9.77
C ILE A 219 5.70 -17.80 -10.91
N ILE A 220 5.64 -16.55 -11.35
CA ILE A 220 6.39 -16.11 -12.52
C ILE A 220 7.65 -15.43 -12.03
N GLY A 221 8.82 -16.01 -12.29
CA GLY A 221 10.09 -15.35 -11.94
C GLY A 221 10.49 -14.38 -13.03
N VAL A 222 11.05 -13.28 -12.62
CA VAL A 222 11.48 -12.21 -13.54
C VAL A 222 12.94 -11.89 -13.25
N ASP A 223 13.80 -12.02 -14.23
CA ASP A 223 15.21 -11.65 -14.02
C ASP A 223 15.81 -11.31 -15.37
N ILE A 224 16.75 -10.39 -15.42
CA ILE A 224 17.52 -10.13 -16.67
C ILE A 224 18.65 -11.13 -16.85
N ASN A 225 18.96 -11.93 -15.85
CA ASN A 225 19.99 -12.97 -15.96
C ASN A 225 19.29 -14.32 -16.11
N LYS A 226 19.18 -14.85 -17.33
CA LYS A 226 18.45 -16.10 -17.57
C LYS A 226 19.15 -17.28 -16.86
N ASP A 227 20.42 -17.15 -16.45
CA ASP A 227 21.11 -18.24 -15.72
C ASP A 227 20.40 -18.52 -14.38
N LYS A 228 19.59 -17.58 -13.89
CA LYS A 228 18.92 -17.69 -12.57
C LYS A 228 17.63 -18.53 -12.69
N PHE A 229 17.19 -18.85 -13.92
CA PHE A 229 15.84 -19.43 -14.11
C PHE A 229 15.76 -20.89 -13.69
N ALA A 230 16.82 -21.66 -13.91
CA ALA A 230 16.73 -23.11 -13.60
C ALA A 230 16.47 -23.31 -12.09
N LYS A 231 17.23 -22.62 -11.23
CA LYS A 231 17.06 -22.80 -9.77
C LYS A 231 15.70 -22.20 -9.35
N ALA A 232 15.24 -21.12 -10.00
CA ALA A 232 13.92 -20.54 -9.64
C ALA A 232 12.83 -21.60 -9.89
N LYS A 233 12.93 -22.28 -11.02
CA LYS A 233 11.96 -23.41 -11.30
C LYS A 233 12.10 -24.54 -10.29
N GLU A 234 13.32 -24.89 -9.91
CA GLU A 234 13.51 -25.97 -8.91
C GLU A 234 12.74 -25.67 -7.62
N VAL A 235 12.75 -24.42 -7.16
CA VAL A 235 12.11 -24.10 -5.86
C VAL A 235 10.66 -23.66 -6.02
N GLY A 236 10.13 -23.67 -7.25
CA GLY A 236 8.67 -23.44 -7.38
C GLY A 236 8.22 -22.52 -8.50
N ALA A 237 9.08 -21.79 -9.21
CA ALA A 237 8.60 -20.94 -10.30
C ALA A 237 7.94 -21.83 -11.33
N THR A 238 6.80 -21.39 -11.85
CA THR A 238 6.13 -22.17 -12.92
C THR A 238 6.54 -21.69 -14.30
N GLU A 239 7.14 -20.52 -14.40
CA GLU A 239 7.59 -19.90 -15.66
CA GLU A 239 7.45 -19.77 -15.66
C GLU A 239 8.51 -18.73 -15.28
N CYS A 240 9.44 -18.43 -16.15
CA CYS A 240 10.41 -17.34 -15.95
C CYS A 240 10.43 -16.50 -17.21
N VAL A 241 10.62 -15.20 -17.02
CA VAL A 241 10.63 -14.21 -18.13
C VAL A 241 11.81 -13.29 -17.91
N ASN A 242 12.50 -13.00 -19.01
CA ASN A 242 13.60 -12.02 -19.04
C ASN A 242 13.07 -10.75 -19.72
N PRO A 243 12.92 -9.61 -19.05
CA PRO A 243 12.46 -8.38 -19.71
C PRO A 243 13.21 -8.03 -21.01
N GLN A 244 14.47 -8.41 -21.08
CA GLN A 244 15.32 -8.04 -22.24
C GLN A 244 14.79 -8.76 -23.48
N ASP A 245 14.02 -9.84 -23.33
CA ASP A 245 13.54 -10.61 -24.50
C ASP A 245 12.38 -9.90 -25.20
N TYR A 246 11.77 -8.89 -24.59
CA TYR A 246 10.45 -8.38 -25.02
C TYR A 246 10.62 -6.98 -25.59
N LYS A 247 9.81 -6.67 -26.58
CA LYS A 247 9.72 -5.27 -27.09
C LYS A 247 8.88 -4.42 -26.14
N LYS A 248 7.91 -5.00 -25.46
CA LYS A 248 6.96 -4.27 -24.61
C LYS A 248 7.53 -4.21 -23.20
N PRO A 249 7.14 -3.21 -22.38
CA PRO A 249 7.56 -3.20 -20.98
C PRO A 249 7.02 -4.44 -20.25
N ILE A 250 7.77 -4.92 -19.28
CA ILE A 250 7.42 -6.22 -18.68
C ILE A 250 6.11 -6.10 -17.87
N GLN A 251 5.73 -4.92 -17.37
CA GLN A 251 4.41 -4.84 -16.69
C GLN A 251 3.29 -5.24 -17.66
N GLU A 252 3.38 -4.85 -18.93
CA GLU A 252 2.36 -5.19 -19.96
C GLU A 252 2.42 -6.69 -20.27
N VAL A 253 3.61 -7.26 -20.34
CA VAL A 253 3.78 -8.72 -20.57
C VAL A 253 3.11 -9.48 -19.44
N LEU A 254 3.41 -9.09 -18.21
CA LEU A 254 2.89 -9.83 -17.02
C LEU A 254 1.39 -9.65 -16.87
N THR A 255 0.89 -8.48 -17.25
CA THR A 255 -0.56 -8.23 -17.21
C THR A 255 -1.25 -9.16 -18.22
N GLU A 256 -0.71 -9.27 -19.42
CA GLU A 256 -1.21 -10.21 -20.47
CA GLU A 256 -1.27 -10.20 -20.45
C GLU A 256 -1.18 -11.66 -19.97
N MET A 257 -0.05 -12.07 -19.44
CA MET A 257 0.17 -13.46 -19.05
C MET A 257 -0.82 -13.90 -17.98
N SER A 258 -1.14 -12.95 -17.09
CA SER A 258 -2.04 -13.20 -15.94
C SER A 258 -3.47 -12.78 -16.25
N ASN A 259 -3.80 -12.56 -17.53
CA ASN A 259 -5.18 -12.28 -17.97
C ASN A 259 -5.72 -11.11 -17.14
N GLY A 260 -4.91 -10.07 -16.93
CA GLY A 260 -5.38 -8.78 -16.40
C GLY A 260 -4.64 -8.33 -15.16
N GLY A 261 -3.56 -8.99 -14.79
CA GLY A 261 -2.69 -8.59 -13.67
C GLY A 261 -2.58 -9.69 -12.63
N VAL A 262 -1.48 -9.68 -11.92
CA VAL A 262 -1.19 -10.73 -10.93
C VAL A 262 -1.87 -10.45 -9.59
N ASP A 263 -2.03 -11.45 -8.76
CA ASP A 263 -2.59 -11.24 -7.38
C ASP A 263 -1.54 -10.59 -6.49
N PHE A 264 -0.32 -11.07 -6.57
CA PHE A 264 0.80 -10.63 -5.70
C PHE A 264 2.05 -10.42 -6.53
N SER A 265 2.68 -9.26 -6.38
CA SER A 265 4.02 -9.05 -6.97
C SER A 265 5.02 -8.63 -5.90
N PHE A 266 6.29 -8.97 -6.13
CA PHE A 266 7.39 -8.75 -5.18
C PHE A 266 8.53 -8.10 -5.91
N GLU A 267 9.04 -6.95 -5.46
CA GLU A 267 10.29 -6.39 -5.94
C GLU A 267 11.39 -6.89 -5.03
N VAL A 268 12.34 -7.62 -5.59
CA VAL A 268 13.40 -8.26 -4.78
C VAL A 268 14.74 -8.00 -5.49
N ILE A 269 14.91 -6.75 -5.90
CA ILE A 269 16.13 -6.30 -6.65
C ILE A 269 16.75 -5.08 -5.97
N GLY A 270 15.97 -4.02 -5.76
CA GLY A 270 16.47 -2.74 -5.21
C GLY A 270 16.54 -1.65 -6.27
N ARG A 271 15.70 -1.66 -7.27
CA ARG A 271 15.70 -0.56 -8.27
C ARG A 271 14.40 0.21 -8.23
N LEU A 272 14.45 1.53 -8.39
CA LEU A 272 13.24 2.36 -8.42
C LEU A 272 12.35 1.93 -9.58
N ASP A 273 12.90 1.64 -10.76
CA ASP A 273 12.03 1.40 -11.93
C ASP A 273 11.29 0.07 -11.75
N THR A 274 11.93 -0.95 -11.22
CA THR A 274 11.28 -2.28 -11.02
C THR A 274 10.30 -2.20 -9.83
N MET A 275 10.49 -1.30 -8.86
CA MET A 275 9.44 -1.11 -7.84
C MET A 275 8.14 -0.63 -8.49
N VAL A 276 8.26 0.33 -9.41
CA VAL A 276 7.05 0.86 -10.09
C VAL A 276 6.47 -0.23 -11.02
N THR A 277 7.30 -0.92 -11.82
CA THR A 277 6.87 -2.00 -12.73
C THR A 277 6.12 -3.07 -11.91
N ALA A 278 6.68 -3.46 -10.78
CA ALA A 278 6.08 -4.54 -9.95
C ALA A 278 4.71 -4.08 -9.43
N LEU A 279 4.55 -2.80 -9.04
CA LEU A 279 3.23 -2.31 -8.59
C LEU A 279 2.28 -2.36 -9.80
N SER A 280 2.71 -1.87 -10.96
CA SER A 280 1.84 -1.77 -12.14
C SER A 280 1.34 -3.15 -12.55
N CYS A 281 2.16 -4.20 -12.47
CA CYS A 281 1.78 -5.54 -12.98
C CYS A 281 0.76 -6.25 -12.09
N CYS A 282 0.51 -5.78 -10.87
CA CYS A 282 -0.56 -6.42 -10.07
C CYS A 282 -1.91 -5.86 -10.49
N GLN A 283 -2.91 -6.70 -10.29
CA GLN A 283 -4.28 -6.42 -10.77
C GLN A 283 -4.74 -5.10 -10.12
N GLU A 284 -5.36 -4.24 -10.90
CA GLU A 284 -5.57 -2.82 -10.51
C GLU A 284 -6.58 -2.66 -9.37
N ALA A 285 -7.51 -3.57 -9.25
CA ALA A 285 -8.57 -3.52 -8.22
C ALA A 285 -8.18 -4.19 -6.91
N TYR A 286 -7.44 -5.30 -6.92
CA TYR A 286 -7.24 -6.11 -5.71
C TYR A 286 -5.80 -6.60 -5.59
N GLY A 287 -4.94 -6.20 -6.51
CA GLY A 287 -3.54 -6.66 -6.47
C GLY A 287 -2.77 -6.11 -5.26
N VAL A 288 -1.74 -6.86 -4.84
CA VAL A 288 -0.83 -6.44 -3.76
C VAL A 288 0.60 -6.51 -4.28
N SER A 289 1.35 -5.46 -4.07
CA SER A 289 2.80 -5.44 -4.42
C SER A 289 3.61 -5.16 -3.17
N VAL A 290 4.62 -5.96 -2.94
CA VAL A 290 5.54 -5.84 -1.78
C VAL A 290 6.95 -5.48 -2.25
N ILE A 291 7.47 -4.39 -1.70
CA ILE A 291 8.89 -3.98 -1.91
C ILE A 291 9.70 -4.73 -0.85
N VAL A 292 10.69 -5.44 -1.32
CA VAL A 292 11.69 -6.14 -0.51
C VAL A 292 13.08 -5.57 -0.82
N GLY A 293 13.35 -5.24 -2.07
CA GLY A 293 14.70 -4.73 -2.42
C GLY A 293 14.98 -3.40 -1.73
N VAL A 294 16.25 -3.14 -1.48
CA VAL A 294 16.71 -1.88 -0.81
C VAL A 294 17.09 -0.94 -1.94
N PRO A 295 16.33 0.17 -2.03
CA PRO A 295 16.57 1.17 -3.06
C PRO A 295 17.81 1.99 -2.74
N PRO A 296 18.35 2.70 -3.75
CA PRO A 296 19.59 3.46 -3.56
C PRO A 296 19.31 4.69 -2.68
N ASP A 297 20.30 5.02 -1.87
CA ASP A 297 20.18 6.04 -0.82
C ASP A 297 19.66 7.36 -1.39
N SER A 298 18.69 7.95 -0.70
CA SER A 298 18.24 9.34 -0.89
C SER A 298 17.67 9.56 -2.29
N GLN A 299 17.26 8.52 -3.00
CA GLN A 299 16.62 8.66 -4.32
C GLN A 299 15.11 8.41 -4.21
N ASN A 300 14.32 9.31 -4.77
CA ASN A 300 12.86 9.18 -4.89
C ASN A 300 12.49 8.54 -6.21
N LEU A 301 11.38 7.82 -6.18
CA LEU A 301 10.76 7.28 -7.41
C LEU A 301 9.62 8.21 -7.81
N SER A 302 9.22 8.07 -9.06
CA SER A 302 8.08 8.83 -9.61
C SER A 302 7.02 7.80 -10.00
N MET A 303 5.80 8.01 -9.59
CA MET A 303 4.70 7.10 -9.95
C MET A 303 3.38 7.90 -10.03
N ASN A 304 2.45 7.26 -10.71
CA ASN A 304 1.08 7.78 -10.91
C ASN A 304 0.19 7.21 -9.83
N PRO A 305 -0.33 8.03 -8.89
CA PRO A 305 -1.16 7.51 -7.81
C PRO A 305 -2.50 6.92 -8.26
N MET A 306 -2.88 7.14 -9.52
CA MET A 306 -4.05 6.40 -10.04
C MET A 306 -3.83 4.90 -9.96
N LEU A 307 -2.56 4.44 -9.93
CA LEU A 307 -2.30 2.98 -9.77
C LEU A 307 -2.88 2.48 -8.43
N LEU A 308 -2.82 3.32 -7.40
CA LEU A 308 -3.36 2.97 -6.08
C LEU A 308 -4.89 3.22 -5.98
N LEU A 309 -5.36 4.30 -6.59
CA LEU A 309 -6.77 4.74 -6.43
C LEU A 309 -7.73 3.63 -6.86
N SER A 310 -7.39 2.87 -7.91
CA SER A 310 -8.27 1.79 -8.41
C SER A 310 -8.44 0.64 -7.43
N GLY A 311 -7.51 0.49 -6.47
CA GLY A 311 -7.62 -0.57 -5.45
C GLY A 311 -6.31 -1.25 -5.12
N ARG A 312 -5.20 -1.02 -5.81
CA ARG A 312 -3.95 -1.73 -5.46
C ARG A 312 -3.53 -1.39 -4.01
N THR A 313 -2.81 -2.34 -3.44
CA THR A 313 -2.10 -2.20 -2.14
C THR A 313 -0.61 -2.25 -2.42
N TRP A 314 0.14 -1.31 -1.86
CA TRP A 314 1.60 -1.24 -2.01
C TRP A 314 2.20 -1.27 -0.62
N LYS A 315 3.11 -2.15 -0.31
CA LYS A 315 3.73 -2.13 1.01
C LYS A 315 5.14 -2.64 0.91
N GLY A 316 5.89 -2.42 1.95
CA GLY A 316 7.23 -2.98 2.03
C GLY A 316 7.49 -3.58 3.39
N ALA A 317 8.62 -4.22 3.55
CA ALA A 317 8.99 -4.83 4.82
C ALA A 317 10.48 -5.10 4.89
N ILE A 318 10.94 -5.09 6.13
CA ILE A 318 12.27 -5.55 6.52
C ILE A 318 12.12 -6.94 7.14
N PHE A 319 13.01 -7.84 6.78
CA PHE A 319 13.15 -9.15 7.47
C PHE A 319 11.82 -9.91 7.37
N GLY A 320 11.11 -9.79 6.24
CA GLY A 320 9.90 -10.62 6.01
C GLY A 320 8.76 -10.31 6.97
N GLY A 321 8.79 -9.19 7.63
CA GLY A 321 7.79 -8.82 8.65
C GLY A 321 7.91 -9.59 9.94
N PHE A 322 8.91 -10.43 10.11
CA PHE A 322 9.05 -11.26 11.33
C PHE A 322 9.52 -10.45 12.52
N LYS A 323 8.83 -10.55 13.65
CA LYS A 323 9.41 -10.13 14.95
C LYS A 323 10.64 -10.99 15.21
N SER A 324 11.83 -10.42 15.20
CA SER A 324 13.06 -11.19 14.96
C SER A 324 13.35 -12.22 16.04
N LYS A 325 13.29 -11.80 17.30
CA LYS A 325 13.78 -12.67 18.40
C LYS A 325 12.73 -13.76 18.67
N ASP A 326 11.45 -13.46 18.48
CA ASP A 326 10.42 -14.51 18.63
C ASP A 326 10.57 -15.48 17.46
N SER A 327 10.80 -14.95 16.27
CA SER A 327 10.66 -15.75 15.02
C SER A 327 11.88 -16.61 14.72
N VAL A 328 13.09 -16.10 14.88
CA VAL A 328 14.30 -16.82 14.44
C VAL A 328 14.38 -18.20 15.08
N PRO A 329 14.19 -18.36 16.40
CA PRO A 329 14.30 -19.72 16.96
C PRO A 329 13.25 -20.66 16.41
N LYS A 330 12.07 -20.14 16.12
CA LYS A 330 10.98 -20.97 15.55
C LYS A 330 11.33 -21.39 14.12
N LEU A 331 11.86 -20.47 13.32
CA LEU A 331 12.28 -20.78 11.96
C LEU A 331 13.37 -21.85 12.01
N VAL A 332 14.33 -21.76 12.92
CA VAL A 332 15.34 -22.82 13.03
C VAL A 332 14.68 -24.14 13.39
N ALA A 333 13.76 -24.12 14.35
CA ALA A 333 13.06 -25.37 14.74
C ALA A 333 12.36 -25.96 13.52
N ASP A 334 11.72 -25.12 12.72
CA ASP A 334 10.96 -25.61 11.55
C ASP A 334 11.95 -26.15 10.53
N PHE A 335 13.12 -25.54 10.37
CA PHE A 335 14.17 -26.08 9.47
C PHE A 335 14.59 -27.49 9.94
N MET A 336 14.86 -27.63 11.22
CA MET A 336 15.30 -28.89 11.86
CA MET A 336 15.34 -28.92 11.73
C MET A 336 14.22 -29.98 11.61
N ALA A 337 12.97 -29.56 11.56
CA ALA A 337 11.81 -30.46 11.33
C ALA A 337 11.52 -30.61 9.82
N LYS A 338 12.36 -30.07 8.93
CA LYS A 338 12.29 -30.30 7.49
C LYS A 338 11.08 -29.57 6.91
N LYS A 339 10.67 -28.43 7.47
CA LYS A 339 9.49 -27.69 6.96
C LYS A 339 9.86 -26.86 5.73
N PHE A 340 11.14 -26.52 5.56
CA PHE A 340 11.64 -25.81 4.34
C PHE A 340 13.10 -26.20 4.15
N ALA A 341 13.66 -25.94 2.99
CA ALA A 341 15.05 -26.27 2.61
C ALA A 341 15.85 -24.96 2.49
N LEU A 342 17.11 -25.03 2.90
CA LEU A 342 18.08 -23.94 2.71
C LEU A 342 19.13 -24.29 1.67
N ASP A 343 19.43 -25.56 1.45
CA ASP A 343 20.48 -25.96 0.50
C ASP A 343 20.28 -25.35 -0.90
N PRO A 344 19.05 -25.15 -1.44
CA PRO A 344 18.93 -24.57 -2.78
C PRO A 344 19.53 -23.15 -2.90
N LEU A 345 19.65 -22.49 -1.77
CA LEU A 345 20.16 -21.11 -1.73
C LEU A 345 21.70 -21.09 -1.72
N ILE A 346 22.31 -22.18 -1.29
CA ILE A 346 23.77 -22.20 -1.03
C ILE A 346 24.44 -22.72 -2.29
N THR A 347 25.09 -21.84 -3.03
CA THR A 347 25.73 -22.27 -4.28
C THR A 347 27.24 -22.42 -4.10
N HIS A 348 27.81 -21.79 -3.09
CA HIS A 348 29.27 -21.76 -2.92
C HIS A 348 29.59 -21.72 -1.45
N VAL A 349 30.72 -22.30 -1.09
CA VAL A 349 31.26 -22.25 0.28
C VAL A 349 32.72 -21.84 0.20
N LEU A 350 33.13 -20.91 1.05
CA LEU A 350 34.53 -20.45 1.11
C LEU A 350 34.90 -20.21 2.56
N PRO A 351 36.22 -20.29 2.87
CA PRO A 351 36.66 -19.80 4.16
C PRO A 351 36.54 -18.28 4.22
N PHE A 352 36.34 -17.78 5.43
CA PHE A 352 36.20 -16.33 5.67
C PHE A 352 37.32 -15.54 4.98
N GLU A 353 38.53 -16.10 5.00
CA GLU A 353 39.73 -15.42 4.46
C GLU A 353 39.57 -15.15 2.95
N LYS A 354 38.63 -15.83 2.25
CA LYS A 354 38.37 -15.62 0.81
C LYS A 354 37.09 -14.81 0.63
N ILE A 355 36.79 -13.93 1.61
CA ILE A 355 35.59 -13.05 1.53
C ILE A 355 35.59 -12.28 0.21
N ASN A 356 36.69 -11.68 -0.25
CA ASN A 356 36.70 -10.90 -1.52
C ASN A 356 36.28 -11.78 -2.71
N GLU A 357 36.81 -13.00 -2.79
CA GLU A 357 36.40 -13.95 -3.83
C GLU A 357 34.87 -14.17 -3.71
N GLY A 358 34.34 -14.26 -2.51
CA GLY A 358 32.87 -14.44 -2.35
C GLY A 358 32.09 -13.25 -2.91
N PHE A 359 32.55 -12.04 -2.68
CA PHE A 359 31.89 -10.85 -3.25
C PHE A 359 32.02 -10.84 -4.77
N ASP A 360 33.17 -11.24 -5.29
CA ASP A 360 33.35 -11.31 -6.77
C ASP A 360 32.33 -12.29 -7.35
N LEU A 361 32.10 -13.44 -6.70
CA LEU A 361 31.09 -14.40 -7.20
C LEU A 361 29.72 -13.74 -7.22
N LEU A 362 29.35 -12.96 -6.21
CA LEU A 362 28.01 -12.36 -6.22
C LEU A 362 27.95 -11.33 -7.36
N ARG A 363 28.99 -10.52 -7.47
CA ARG A 363 29.00 -9.41 -8.46
C ARG A 363 28.98 -9.93 -9.90
N SER A 364 29.59 -11.08 -10.14
CA SER A 364 29.63 -11.67 -11.49
C SER A 364 28.29 -12.24 -11.89
N GLY A 365 27.34 -12.38 -10.95
CA GLY A 365 26.09 -13.10 -11.25
C GLY A 365 26.15 -14.59 -11.02
N GLU A 366 27.31 -15.15 -10.67
CA GLU A 366 27.49 -16.62 -10.60
C GLU A 366 26.85 -17.25 -9.37
N SER A 367 26.78 -16.55 -8.24
CA SER A 367 26.35 -17.14 -6.97
C SER A 367 24.92 -16.74 -6.64
N ILE A 368 24.33 -17.53 -5.77
CA ILE A 368 23.16 -17.09 -4.96
C ILE A 368 23.73 -16.73 -3.60
N ARG A 369 23.86 -17.67 -2.69
CA ARG A 369 24.54 -17.37 -1.39
C ARG A 369 25.86 -18.14 -1.39
N THR A 370 26.92 -17.41 -1.06
CA THR A 370 28.20 -17.96 -0.62
C THR A 370 28.15 -17.90 0.91
N ILE A 371 28.43 -19.00 1.56
CA ILE A 371 28.59 -19.11 3.02
C ILE A 371 30.07 -19.15 3.36
N LEU A 372 30.48 -18.18 4.17
CA LEU A 372 31.87 -18.11 4.67
C LEU A 372 31.96 -18.81 6.03
N THR A 373 33.02 -19.62 6.24
CA THR A 373 33.27 -20.36 7.46
C THR A 373 34.51 -19.84 8.16
N PHE A 374 34.36 -19.57 9.44
CA PHE A 374 35.46 -19.01 10.29
C PHE A 374 36.40 -20.11 10.77
N SER B 1 -48.09 8.91 -21.43
CA SER B 1 -47.01 7.89 -21.28
C SER B 1 -45.74 8.42 -21.96
N THR B 2 -44.57 8.14 -21.39
CA THR B 2 -43.26 8.47 -22.00
C THR B 2 -42.57 7.19 -22.48
N ALA B 3 -42.98 6.03 -21.98
CA ALA B 3 -42.31 4.73 -22.21
C ALA B 3 -42.18 4.48 -23.71
N GLY B 4 -40.98 4.12 -24.18
CA GLY B 4 -40.70 3.84 -25.60
C GLY B 4 -40.55 5.10 -26.43
N LYS B 5 -40.66 6.29 -25.87
CA LYS B 5 -40.56 7.56 -26.63
C LYS B 5 -39.33 8.34 -26.22
N VAL B 6 -38.80 9.15 -27.10
CA VAL B 6 -37.83 10.21 -26.73
C VAL B 6 -38.47 11.16 -25.72
N ILE B 7 -37.76 11.47 -24.66
CA ILE B 7 -38.17 12.52 -23.70
C ILE B 7 -37.35 13.76 -24.01
N LYS B 8 -38.02 14.90 -24.13
CA LYS B 8 -37.39 16.21 -24.10
C LYS B 8 -37.46 16.71 -22.67
N CYS B 9 -36.29 16.97 -22.08
CA CYS B 9 -36.24 17.44 -20.69
C CYS B 9 -35.10 18.40 -20.48
N LYS B 10 -35.05 18.94 -19.26
CA LYS B 10 -34.00 19.86 -18.87
C LYS B 10 -32.74 19.12 -18.36
N ALA B 11 -31.56 19.57 -18.74
CA ALA B 11 -30.27 19.03 -18.24
C ALA B 11 -29.25 20.15 -18.12
N ALA B 12 -28.19 19.87 -17.38
CA ALA B 12 -27.08 20.80 -17.21
C ALA B 12 -25.95 20.27 -18.09
N VAL B 13 -25.73 20.91 -19.22
CA VAL B 13 -24.70 20.44 -20.18
C VAL B 13 -23.41 21.22 -19.97
N LEU B 14 -22.29 20.51 -19.91
CA LEU B 14 -20.94 21.11 -19.86
C LEU B 14 -20.34 21.02 -21.27
N TRP B 15 -20.33 22.14 -21.98
CA TRP B 15 -19.88 22.14 -23.39
C TRP B 15 -18.36 22.16 -23.50
N GLU B 16 -17.65 22.71 -22.49
CA GLU B 16 -16.19 22.78 -22.50
C GLU B 16 -15.70 23.06 -21.08
N GLU B 17 -14.42 22.86 -20.85
CA GLU B 17 -13.85 22.98 -19.51
C GLU B 17 -13.91 24.45 -19.08
N LYS B 18 -13.92 24.68 -17.77
CA LYS B 18 -13.74 26.03 -17.16
C LYS B 18 -14.85 26.98 -17.64
N LYS B 19 -16.06 26.46 -17.81
CA LYS B 19 -17.27 27.27 -18.13
C LYS B 19 -18.40 26.86 -17.20
N PRO B 20 -19.37 27.74 -16.93
CA PRO B 20 -20.59 27.35 -16.24
C PRO B 20 -21.32 26.21 -16.98
N PHE B 21 -22.11 25.43 -16.22
CA PHE B 21 -23.09 24.51 -16.82
C PHE B 21 -24.13 25.34 -17.57
N SER B 22 -24.56 24.82 -18.72
CA SER B 22 -25.67 25.38 -19.52
C SER B 22 -26.93 24.56 -19.26
N ILE B 23 -27.92 25.18 -18.62
CA ILE B 23 -29.24 24.54 -18.31
CA ILE B 23 -29.22 24.52 -18.31
C ILE B 23 -30.20 24.70 -19.48
C ILE B 23 -30.03 24.71 -19.59
N GLU B 24 -30.38 23.61 -20.23
N GLU B 24 -30.45 23.60 -20.19
CA GLU B 24 -31.18 23.65 -21.47
C GLU B 24 -31.82 22.31 -21.77
N GLU B 25 -32.68 22.28 -22.78
CA GLU B 25 -33.42 21.11 -23.22
C GLU B 25 -32.46 20.18 -23.95
N VAL B 26 -32.54 18.93 -23.55
CA VAL B 26 -31.84 17.79 -24.19
C VAL B 26 -32.91 16.78 -24.58
N GLU B 27 -32.57 15.87 -25.49
CA GLU B 27 -33.42 14.73 -25.83
CA GLU B 27 -33.41 14.73 -25.85
C GLU B 27 -32.79 13.47 -25.24
N VAL B 28 -33.59 12.68 -24.56
CA VAL B 28 -33.15 11.45 -23.90
C VAL B 28 -33.85 10.31 -24.57
N ALA B 29 -33.12 9.49 -25.29
CA ALA B 29 -33.66 8.32 -25.98
C ALA B 29 -34.23 7.30 -25.02
N PRO B 30 -35.16 6.44 -25.46
CA PRO B 30 -35.65 5.37 -24.62
C PRO B 30 -34.56 4.32 -24.40
N PRO B 31 -34.65 3.56 -23.30
CA PRO B 31 -33.69 2.51 -23.00
C PRO B 31 -33.74 1.38 -24.00
N LYS B 32 -32.55 0.95 -24.40
CA LYS B 32 -32.37 -0.29 -25.20
C LYS B 32 -32.32 -1.49 -24.26
N ALA B 33 -32.01 -2.66 -24.82
CA ALA B 33 -31.95 -3.90 -24.03
C ALA B 33 -31.00 -3.69 -22.86
N HIS B 34 -31.46 -4.11 -21.70
CA HIS B 34 -30.66 -4.09 -20.45
C HIS B 34 -30.30 -2.66 -20.06
N GLU B 35 -31.15 -1.68 -20.36
CA GLU B 35 -30.96 -0.28 -19.95
C GLU B 35 -32.18 0.21 -19.17
N VAL B 36 -31.96 1.26 -18.39
CA VAL B 36 -32.95 1.78 -17.42
C VAL B 36 -33.00 3.28 -17.57
N ARG B 37 -34.19 3.83 -17.81
CA ARG B 37 -34.35 5.30 -17.84
C ARG B 37 -34.99 5.76 -16.53
N ILE B 38 -34.31 6.72 -15.90
CA ILE B 38 -34.60 7.18 -14.52
C ILE B 38 -35.02 8.65 -14.55
N LYS B 39 -36.15 8.94 -13.87
CA LYS B 39 -36.50 10.32 -13.52
C LYS B 39 -35.73 10.72 -12.27
N MET B 40 -34.85 11.68 -12.38
CA MET B 40 -34.00 12.12 -11.25
CA MET B 40 -34.01 12.06 -11.24
C MET B 40 -34.85 12.85 -10.21
N VAL B 41 -34.55 12.64 -8.93
CA VAL B 41 -35.27 13.34 -7.83
C VAL B 41 -34.28 14.25 -7.09
N ALA B 42 -33.05 13.82 -6.83
CA ALA B 42 -32.06 14.66 -6.14
C ALA B 42 -30.66 14.22 -6.59
N THR B 43 -29.75 15.16 -6.66
CA THR B 43 -28.35 14.88 -6.98
C THR B 43 -27.44 15.77 -6.17
N GLY B 44 -26.34 15.21 -5.65
CA GLY B 44 -25.38 16.03 -4.91
C GLY B 44 -24.29 16.58 -5.78
N ILE B 45 -23.65 17.65 -5.33
CA ILE B 45 -22.47 18.26 -5.98
C ILE B 45 -21.20 17.75 -5.28
N CYS B 46 -20.49 16.89 -5.99
CA CYS B 46 -19.28 16.18 -5.49
C CYS B 46 -18.10 16.93 -6.11
N ARG B 47 -16.97 17.00 -5.41
CA ARG B 47 -15.76 17.67 -5.94
C ARG B 47 -15.37 17.01 -7.26
N SER B 48 -15.56 15.70 -7.43
CA SER B 48 -15.16 15.07 -8.70
C SER B 48 -15.89 15.72 -9.88
N ASP B 49 -17.15 16.07 -9.71
CA ASP B 49 -17.85 16.79 -10.80
C ASP B 49 -17.14 18.10 -11.08
N ASP B 50 -16.72 18.83 -10.04
CA ASP B 50 -15.97 20.09 -10.25
C ASP B 50 -14.64 19.81 -10.96
N GLN B 51 -14.02 18.68 -10.64
CA GLN B 51 -12.71 18.37 -11.28
C GLN B 51 -12.92 18.20 -12.79
N VAL B 52 -14.09 17.74 -13.24
CA VAL B 52 -14.37 17.66 -14.72
C VAL B 52 -14.40 19.10 -15.26
N VAL B 53 -15.06 20.01 -14.56
CA VAL B 53 -15.07 21.44 -15.00
C VAL B 53 -13.64 21.99 -15.04
N SER B 54 -12.82 21.72 -14.04
CA SER B 54 -11.44 22.23 -13.91
C SER B 54 -10.51 21.65 -14.97
N GLY B 55 -10.90 20.50 -15.53
CA GLY B 55 -10.04 19.74 -16.46
C GLY B 55 -9.02 18.84 -15.77
N THR B 56 -9.08 18.73 -14.44
CA THR B 56 -8.12 17.87 -13.70
C THR B 56 -8.59 16.42 -13.59
N LEU B 57 -9.87 16.13 -13.83
CA LEU B 57 -10.43 14.79 -14.11
C LEU B 57 -10.89 14.78 -15.57
N VAL B 58 -10.25 13.98 -16.38
CA VAL B 58 -10.49 14.00 -17.84
C VAL B 58 -11.61 13.01 -18.18
N THR B 59 -12.59 13.51 -18.94
CA THR B 59 -13.67 12.68 -19.50
C THR B 59 -14.09 13.40 -20.78
N PRO B 60 -14.60 12.69 -21.82
CA PRO B 60 -14.95 13.37 -23.06
C PRO B 60 -16.04 14.45 -22.90
N LEU B 61 -15.83 15.60 -23.54
CA LEU B 61 -16.82 16.69 -23.57
C LEU B 61 -17.35 16.81 -24.98
N PRO B 62 -18.57 17.35 -25.19
CA PRO B 62 -19.43 17.86 -24.13
C PRO B 62 -20.06 16.71 -23.35
N VAL B 63 -20.52 17.03 -22.12
CA VAL B 63 -20.94 15.96 -21.18
C VAL B 63 -22.10 16.44 -20.31
N ILE B 64 -22.95 15.49 -19.94
CA ILE B 64 -23.84 15.60 -18.75
C ILE B 64 -23.10 14.93 -17.59
N ALA B 65 -22.58 15.74 -16.68
CA ALA B 65 -21.89 15.22 -15.48
C ALA B 65 -22.92 14.89 -14.41
N GLY B 66 -22.46 14.72 -13.17
CA GLY B 66 -23.37 14.29 -12.09
C GLY B 66 -23.27 12.78 -11.96
N HIS B 67 -22.98 12.32 -10.75
CA HIS B 67 -22.89 10.88 -10.46
C HIS B 67 -23.41 10.48 -9.09
N GLU B 68 -23.77 11.43 -8.24
CA GLU B 68 -24.23 11.21 -6.86
C GLU B 68 -25.70 11.56 -6.87
N ALA B 69 -26.56 10.57 -6.94
CA ALA B 69 -27.99 10.90 -7.13
C ALA B 69 -28.92 9.77 -6.71
N ALA B 70 -30.21 10.10 -6.76
CA ALA B 70 -31.31 9.16 -6.60
C ALA B 70 -32.51 9.62 -7.42
N GLY B 71 -33.24 8.62 -7.89
CA GLY B 71 -34.45 8.91 -8.68
C GLY B 71 -35.38 7.73 -8.74
N ILE B 72 -36.33 7.79 -9.68
CA ILE B 72 -37.43 6.80 -9.78
C ILE B 72 -37.43 6.28 -11.21
N VAL B 73 -37.45 4.98 -11.37
CA VAL B 73 -37.44 4.34 -12.69
C VAL B 73 -38.67 4.77 -13.51
N GLU B 74 -38.42 5.29 -14.70
CA GLU B 74 -39.51 5.69 -15.64
C GLU B 74 -39.81 4.52 -16.57
N SER B 75 -38.79 3.79 -17.06
CA SER B 75 -39.02 2.64 -17.94
C SER B 75 -37.77 1.76 -18.01
N ILE B 76 -37.94 0.53 -18.44
CA ILE B 76 -36.86 -0.47 -18.54
C ILE B 76 -36.84 -1.03 -19.96
N GLY B 77 -35.64 -1.24 -20.46
CA GLY B 77 -35.40 -1.98 -21.69
C GLY B 77 -35.73 -3.43 -21.54
N GLU B 78 -35.80 -4.07 -22.70
CA GLU B 78 -35.94 -5.54 -22.78
C GLU B 78 -34.86 -6.19 -21.91
N GLY B 79 -35.22 -7.18 -21.13
CA GLY B 79 -34.24 -8.05 -20.49
C GLY B 79 -33.84 -7.57 -19.11
N VAL B 80 -34.35 -6.42 -18.66
CA VAL B 80 -34.06 -5.88 -17.30
C VAL B 80 -34.81 -6.71 -16.28
N THR B 81 -34.14 -7.15 -15.23
CA THR B 81 -34.76 -8.02 -14.21
C THR B 81 -34.63 -7.46 -12.80
N THR B 82 -33.82 -6.43 -12.56
CA THR B 82 -33.43 -6.05 -11.18
C THR B 82 -34.11 -4.77 -10.71
N VAL B 83 -34.79 -4.06 -11.62
CA VAL B 83 -35.56 -2.87 -11.26
C VAL B 83 -36.81 -2.90 -12.13
N ARG B 84 -37.81 -2.16 -11.69
CA ARG B 84 -39.07 -2.00 -12.45
C ARG B 84 -39.49 -0.55 -12.40
N PRO B 85 -40.33 -0.12 -13.35
CA PRO B 85 -40.89 1.21 -13.31
C PRO B 85 -41.55 1.50 -11.95
N GLY B 86 -41.23 2.68 -11.41
CA GLY B 86 -41.71 3.18 -10.13
C GLY B 86 -40.74 2.92 -8.98
N ASP B 87 -39.73 2.06 -9.19
CA ASP B 87 -38.76 1.78 -8.12
C ASP B 87 -37.90 3.00 -7.85
N LYS B 88 -37.59 3.21 -6.58
CA LYS B 88 -36.53 4.17 -6.19
C LYS B 88 -35.17 3.50 -6.44
N VAL B 89 -34.25 4.27 -6.99
CA VAL B 89 -32.93 3.74 -7.44
C VAL B 89 -31.86 4.77 -7.19
N ILE B 90 -30.64 4.24 -7.04
CA ILE B 90 -29.37 5.00 -7.06
C ILE B 90 -28.50 4.52 -8.20
N PRO B 91 -28.12 5.42 -9.13
CA PRO B 91 -27.16 5.06 -10.17
C PRO B 91 -25.83 4.75 -9.50
N LEU B 92 -25.11 3.81 -10.07
CA LEU B 92 -23.82 3.33 -9.57
C LEU B 92 -22.70 3.73 -10.54
N PHE B 93 -21.90 4.70 -10.15
CA PHE B 93 -20.83 5.20 -11.04
C PHE B 93 -19.74 4.12 -11.13
N THR B 94 -19.60 3.26 -10.12
CA THR B 94 -18.83 2.02 -10.25
C THR B 94 -19.83 0.93 -10.50
N PRO B 95 -19.85 0.29 -11.70
CA PRO B 95 -20.83 -0.75 -11.91
C PRO B 95 -20.55 -2.03 -11.11
N GLN B 96 -21.48 -2.98 -11.12
CA GLN B 96 -21.25 -4.37 -10.63
C GLN B 96 -21.85 -5.37 -11.59
N CYS B 97 -21.06 -5.78 -12.56
CA CYS B 97 -21.55 -6.71 -13.60
C CYS B 97 -21.84 -8.08 -12.98
N GLY B 98 -21.13 -8.49 -11.93
CA GLY B 98 -21.29 -9.79 -11.27
C GLY B 98 -20.56 -10.90 -12.00
N LYS B 99 -19.93 -10.62 -13.14
CA LYS B 99 -19.41 -11.72 -14.02
C LYS B 99 -17.89 -11.62 -14.20
N CYS B 100 -17.26 -10.45 -13.98
CA CYS B 100 -15.83 -10.27 -14.27
C CYS B 100 -14.98 -10.77 -13.09
N ARG B 101 -13.69 -10.87 -13.30
CA ARG B 101 -12.79 -11.44 -12.27
C ARG B 101 -12.81 -10.57 -11.02
N VAL B 102 -13.02 -9.26 -11.19
CA VAL B 102 -13.09 -8.32 -10.04
C VAL B 102 -14.38 -8.56 -9.27
N CYS B 103 -15.50 -8.60 -9.95
CA CYS B 103 -16.80 -8.81 -9.27
C CYS B 103 -16.82 -10.13 -8.51
N LYS B 104 -16.10 -11.14 -9.03
CA LYS B 104 -16.03 -12.47 -8.38
C LYS B 104 -15.00 -12.49 -7.26
N HIS B 105 -14.17 -11.47 -7.10
CA HIS B 105 -13.10 -11.51 -6.07
C HIS B 105 -13.67 -10.98 -4.77
N PRO B 106 -13.35 -11.57 -3.61
CA PRO B 106 -14.02 -11.11 -2.38
C PRO B 106 -13.72 -9.66 -2.01
N GLU B 107 -12.57 -9.12 -2.42
CA GLU B 107 -12.11 -7.76 -2.03
CA GLU B 107 -12.15 -7.76 -1.99
C GLU B 107 -12.09 -6.77 -3.18
C GLU B 107 -12.57 -6.74 -3.06
N GLY B 108 -12.51 -7.12 -4.37
N GLY B 108 -12.42 -7.10 -4.34
CA GLY B 108 -12.47 -6.15 -5.48
C GLY B 108 -13.82 -5.50 -5.66
N ASN B 109 -13.84 -4.24 -6.07
CA ASN B 109 -15.08 -3.54 -6.47
C ASN B 109 -14.93 -2.79 -7.79
N PHE B 110 -13.73 -2.68 -8.34
CA PHE B 110 -13.47 -1.84 -9.56
C PHE B 110 -13.79 -2.71 -10.77
N CYS B 111 -15.09 -2.96 -10.96
CA CYS B 111 -15.63 -3.83 -12.02
C CYS B 111 -15.04 -3.42 -13.36
N LEU B 112 -14.63 -4.42 -14.14
CA LEU B 112 -13.98 -4.20 -15.45
C LEU B 112 -14.89 -3.50 -16.48
N LYS B 113 -16.20 -3.43 -16.21
CA LYS B 113 -17.11 -2.69 -17.11
C LYS B 113 -17.09 -1.21 -16.80
N ASN B 114 -16.34 -0.77 -15.80
CA ASN B 114 -16.28 0.65 -15.43
C ASN B 114 -15.93 1.54 -16.63
N ASP B 115 -16.40 2.78 -16.56
CA ASP B 115 -16.00 3.90 -17.43
C ASP B 115 -15.10 4.90 -16.70
N LEU B 116 -14.30 4.39 -15.74
CA LEU B 116 -13.42 5.23 -14.90
C LEU B 116 -11.98 5.22 -15.35
N SER B 117 -11.43 4.07 -15.71
N SER B 117 -11.41 4.05 -15.64
CA SER B 117 -9.98 3.94 -15.97
CA SER B 117 -9.98 3.92 -16.02
C SER B 117 -9.62 4.47 -17.37
C SER B 117 -9.74 4.70 -17.32
N MET B 118 -10.54 4.38 -18.35
CA MET B 118 -10.29 4.91 -19.73
C MET B 118 -11.62 5.55 -20.20
N PRO B 119 -12.03 6.70 -19.63
CA PRO B 119 -13.41 7.17 -19.82
C PRO B 119 -13.72 7.40 -21.30
N ARG B 120 -14.78 6.76 -21.78
CA ARG B 120 -15.31 6.94 -23.14
C ARG B 120 -16.58 7.80 -23.11
N GLY B 121 -17.30 7.92 -21.98
CA GLY B 121 -18.46 8.82 -21.94
C GLY B 121 -19.64 8.26 -22.73
N THR B 122 -19.86 6.96 -22.72
CA THR B 122 -20.96 6.31 -23.44
C THR B 122 -21.70 5.33 -22.53
N MET B 123 -22.76 4.73 -23.07
CA MET B 123 -23.38 3.49 -22.58
C MET B 123 -22.42 2.32 -22.78
N GLN B 124 -22.74 1.19 -22.20
CA GLN B 124 -21.93 -0.05 -22.43
C GLN B 124 -21.85 -0.35 -23.93
N ASP B 125 -22.83 0.04 -24.73
CA ASP B 125 -22.82 -0.35 -26.18
C ASP B 125 -22.00 0.65 -27.01
N GLY B 126 -21.37 1.64 -26.39
CA GLY B 126 -20.45 2.60 -27.06
C GLY B 126 -21.19 3.72 -27.75
N THR B 127 -22.48 3.88 -27.43
CA THR B 127 -23.31 5.00 -27.97
C THR B 127 -23.86 5.85 -26.83
N SER B 128 -24.40 7.01 -27.20
CA SER B 128 -25.00 8.01 -26.26
C SER B 128 -26.50 8.08 -26.46
N ARG B 129 -27.23 8.19 -25.36
CA ARG B 129 -28.71 8.38 -25.32
C ARG B 129 -29.08 9.85 -25.29
N PHE B 130 -28.13 10.77 -25.31
CA PHE B 130 -28.37 12.21 -25.15
C PHE B 130 -28.04 12.97 -26.42
N THR B 131 -28.93 13.90 -26.78
CA THR B 131 -28.59 14.91 -27.80
CA THR B 131 -28.75 14.88 -27.88
C THR B 131 -29.03 16.28 -27.31
N CYS B 132 -28.34 17.28 -27.78
CA CYS B 132 -28.60 18.68 -27.41
C CYS B 132 -28.24 19.56 -28.60
N ARG B 133 -29.21 20.34 -29.07
CA ARG B 133 -29.04 21.24 -30.25
C ARG B 133 -28.56 20.39 -31.40
N GLY B 134 -29.10 19.17 -31.52
CA GLY B 134 -28.75 18.19 -32.57
C GLY B 134 -27.35 17.60 -32.46
N LYS B 135 -26.59 17.87 -31.40
CA LYS B 135 -25.25 17.26 -31.19
C LYS B 135 -25.36 16.15 -30.15
N PRO B 136 -24.66 15.01 -30.33
CA PRO B 136 -24.58 13.97 -29.32
C PRO B 136 -23.82 14.50 -28.10
N ILE B 137 -24.26 14.15 -26.89
CA ILE B 137 -23.62 14.58 -25.63
C ILE B 137 -23.16 13.34 -24.89
N HIS B 138 -21.94 13.39 -24.36
CA HIS B 138 -21.38 12.27 -23.59
C HIS B 138 -22.12 12.06 -22.25
N HIS B 139 -22.13 10.79 -21.86
CA HIS B 139 -22.43 10.32 -20.49
C HIS B 139 -21.20 10.55 -19.63
N PHE B 140 -21.38 10.39 -18.33
CA PHE B 140 -20.28 10.54 -17.36
C PHE B 140 -20.38 9.39 -16.37
N LEU B 141 -19.34 8.58 -16.35
CA LEU B 141 -19.20 7.42 -15.42
C LEU B 141 -20.43 6.50 -15.52
N GLY B 142 -21.11 6.42 -16.68
CA GLY B 142 -22.31 5.60 -16.82
C GLY B 142 -23.49 6.08 -16.00
N THR B 143 -23.48 7.34 -15.57
CA THR B 143 -24.56 7.87 -14.68
C THR B 143 -25.19 9.11 -15.30
N SER B 144 -24.58 10.25 -15.28
CA SER B 144 -25.09 11.50 -15.90
C SER B 144 -26.35 11.93 -15.16
N THR B 145 -26.20 12.43 -13.96
CA THR B 145 -27.32 12.70 -13.04
C THR B 145 -27.72 14.17 -13.08
N PHE B 146 -27.01 15.08 -13.76
CA PHE B 146 -27.39 16.50 -13.86
C PHE B 146 -28.40 16.63 -15.03
N SER B 147 -29.49 15.89 -14.94
CA SER B 147 -30.53 15.82 -16.00
C SER B 147 -31.82 15.37 -15.35
N GLN B 148 -32.96 15.91 -15.76
CA GLN B 148 -34.23 15.41 -15.19
C GLN B 148 -34.42 13.93 -15.50
N TYR B 149 -33.86 13.46 -16.61
CA TYR B 149 -33.93 12.02 -16.97
C TYR B 149 -32.53 11.59 -17.41
N THR B 150 -32.17 10.39 -17.03
CA THR B 150 -30.96 9.73 -17.57
C THR B 150 -31.29 8.30 -17.98
N VAL B 151 -30.36 7.70 -18.72
CA VAL B 151 -30.43 6.28 -19.10
C VAL B 151 -29.12 5.65 -18.64
N VAL B 152 -29.24 4.55 -17.91
CA VAL B 152 -28.05 3.84 -17.41
C VAL B 152 -28.17 2.39 -17.78
N ASP B 153 -27.02 1.73 -17.87
CA ASP B 153 -27.01 0.26 -18.02
C ASP B 153 -27.49 -0.39 -16.73
N GLU B 154 -28.12 -1.56 -16.80
CA GLU B 154 -28.62 -2.23 -15.58
C GLU B 154 -27.52 -2.44 -14.53
N ILE B 155 -26.30 -2.79 -14.96
CA ILE B 155 -25.17 -3.04 -14.02
C ILE B 155 -24.78 -1.74 -13.29
N SER B 156 -25.32 -0.58 -13.69
CA SER B 156 -25.02 0.77 -13.14
C SER B 156 -26.24 1.33 -12.39
N VAL B 157 -27.08 0.46 -11.86
CA VAL B 157 -28.22 0.94 -11.05
C VAL B 157 -28.59 -0.07 -9.96
N ALA B 158 -28.95 0.43 -8.79
CA ALA B 158 -29.47 -0.41 -7.67
C ALA B 158 -30.86 0.05 -7.25
N LYS B 159 -31.74 -0.91 -7.03
CA LYS B 159 -33.03 -0.67 -6.37
C LYS B 159 -32.82 -0.45 -4.88
N ILE B 160 -33.50 0.55 -4.34
CA ILE B 160 -33.44 0.87 -2.88
C ILE B 160 -34.85 0.89 -2.27
N ASP B 161 -34.87 0.94 -0.96
CA ASP B 161 -36.13 0.95 -0.17
C ASP B 161 -37.10 2.00 -0.76
N ALA B 162 -38.31 1.55 -1.04
CA ALA B 162 -39.42 2.39 -1.54
C ALA B 162 -39.76 3.55 -0.60
N ALA B 163 -39.46 3.40 0.68
CA ALA B 163 -39.72 4.51 1.64
C ALA B 163 -38.53 5.45 1.87
N SER B 164 -37.43 5.31 1.13
N SER B 164 -37.42 5.28 1.11
CA SER B 164 -36.25 6.11 1.51
CA SER B 164 -36.15 6.07 1.20
C SER B 164 -36.42 7.55 0.99
C SER B 164 -36.42 7.54 0.97
N PRO B 165 -35.87 8.50 1.75
CA PRO B 165 -35.91 9.91 1.40
C PRO B 165 -34.77 10.24 0.42
N LEU B 166 -35.14 10.43 -0.84
CA LEU B 166 -34.14 10.52 -1.93
C LEU B 166 -33.26 11.73 -1.82
N GLU B 167 -33.75 12.79 -1.17
CA GLU B 167 -33.04 14.06 -0.98
C GLU B 167 -31.91 13.86 0.05
N LYS B 168 -31.89 12.74 0.77
CA LYS B 168 -30.76 12.44 1.68
C LYS B 168 -29.97 11.25 1.14
N VAL B 169 -30.62 10.20 0.71
CA VAL B 169 -29.88 8.95 0.38
C VAL B 169 -29.12 9.07 -0.96
N CYS B 170 -29.36 10.11 -1.75
CA CYS B 170 -28.50 10.38 -2.91
C CYS B 170 -27.02 10.36 -2.48
N LEU B 171 -26.66 10.77 -1.25
CA LEU B 171 -25.24 10.80 -0.82
C LEU B 171 -24.66 9.40 -0.76
N ILE B 172 -25.48 8.37 -0.62
CA ILE B 172 -24.98 6.97 -0.65
C ILE B 172 -24.47 6.63 -2.05
N GLY B 173 -24.86 7.38 -3.06
CA GLY B 173 -24.32 7.20 -4.42
C GLY B 173 -22.87 7.62 -4.56
N CYS B 174 -22.33 8.46 -3.68
CA CYS B 174 -20.89 8.72 -3.77
C CYS B 174 -20.28 9.08 -2.42
N GLY B 175 -20.50 10.29 -1.94
CA GLY B 175 -19.66 10.88 -0.89
C GLY B 175 -19.68 10.09 0.42
N PHE B 176 -20.84 9.73 0.92
CA PHE B 176 -20.97 9.04 2.21
C PHE B 176 -20.30 7.68 2.06
N SER B 177 -20.70 6.89 1.08
CA SER B 177 -20.26 5.49 0.98
C SER B 177 -18.76 5.48 0.75
N THR B 178 -18.27 6.41 -0.06
CA THR B 178 -16.82 6.48 -0.33
C THR B 178 -16.07 6.71 0.99
N GLY B 179 -16.43 7.76 1.73
CA GLY B 179 -15.69 8.08 2.96
C GLY B 179 -15.82 6.98 3.98
N TYR B 180 -17.05 6.56 4.24
CA TYR B 180 -17.34 5.54 5.28
C TYR B 180 -16.61 4.23 4.98
N GLY B 181 -16.78 3.70 3.77
CA GLY B 181 -16.09 2.48 3.32
C GLY B 181 -14.58 2.63 3.37
N SER B 182 -14.05 3.79 2.99
CA SER B 182 -12.58 3.96 3.04
C SER B 182 -12.08 3.67 4.46
N ALA B 183 -12.81 4.08 5.48
CA ALA B 183 -12.45 3.83 6.88
C ALA B 183 -12.76 2.39 7.26
N VAL B 184 -14.00 1.93 7.08
CA VAL B 184 -14.40 0.65 7.73
C VAL B 184 -14.03 -0.56 6.87
N LYS B 185 -13.91 -0.45 5.56
CA LYS B 185 -13.68 -1.62 4.67
C LYS B 185 -12.26 -1.58 4.11
N VAL B 186 -11.78 -0.44 3.63
CA VAL B 186 -10.46 -0.39 2.94
C VAL B 186 -9.36 -0.33 4.00
N ALA B 187 -9.34 0.68 4.85
CA ALA B 187 -8.38 0.77 5.97
C ALA B 187 -8.66 -0.32 7.00
N LYS B 188 -9.90 -0.60 7.30
CA LYS B 188 -10.29 -1.47 8.44
C LYS B 188 -9.74 -0.85 9.71
N VAL B 189 -10.09 0.39 9.94
CA VAL B 189 -9.75 1.12 11.20
C VAL B 189 -10.09 0.23 12.42
N THR B 190 -9.19 0.19 13.40
CA THR B 190 -9.33 -0.66 14.60
C THR B 190 -9.78 0.16 15.81
N GLN B 191 -10.35 -0.53 16.79
CA GLN B 191 -10.76 0.11 18.05
C GLN B 191 -9.52 0.63 18.77
N GLY B 192 -9.60 1.86 19.26
CA GLY B 192 -8.55 2.50 20.07
C GLY B 192 -7.44 3.10 19.23
N SER B 193 -7.57 3.06 17.91
CA SER B 193 -6.50 3.57 17.02
C SER B 193 -6.52 5.08 16.93
N THR B 194 -5.45 5.63 16.37
CA THR B 194 -5.33 7.04 16.05
C THR B 194 -5.35 7.23 14.54
N CYS B 195 -6.23 8.07 14.05
CA CYS B 195 -6.47 8.30 12.61
C CYS B 195 -6.20 9.76 12.27
N ALA B 196 -5.70 10.05 11.08
CA ALA B 196 -5.54 11.40 10.56
C ALA B 196 -6.32 11.49 9.26
N VAL B 197 -7.16 12.48 9.09
CA VAL B 197 -8.04 12.65 7.91
C VAL B 197 -7.67 13.96 7.26
N PHE B 198 -7.09 13.93 6.06
CA PHE B 198 -6.70 15.13 5.28
C PHE B 198 -7.87 15.48 4.37
N GLY B 199 -8.49 16.63 4.62
CA GLY B 199 -9.61 17.14 3.84
C GLY B 199 -10.89 16.87 4.57
N LEU B 200 -11.61 17.95 4.94
CA LEU B 200 -12.84 17.84 5.77
C LEU B 200 -14.04 18.31 4.98
N GLY B 201 -14.11 17.93 3.71
CA GLY B 201 -15.34 18.06 2.93
C GLY B 201 -16.30 16.94 3.14
N GLY B 202 -17.23 16.73 2.21
CA GLY B 202 -18.25 15.70 2.40
C GLY B 202 -17.63 14.29 2.54
N VAL B 203 -16.60 13.97 1.73
CA VAL B 203 -16.01 12.61 1.76
C VAL B 203 -15.15 12.51 3.04
N GLY B 204 -14.39 13.56 3.39
CA GLY B 204 -13.54 13.46 4.59
C GLY B 204 -14.39 13.35 5.84
N LEU B 205 -15.51 14.05 5.89
CA LEU B 205 -16.40 13.94 7.06
C LEU B 205 -16.95 12.53 7.15
N SER B 206 -17.24 11.89 6.02
CA SER B 206 -17.72 10.50 5.97
C SER B 206 -16.61 9.53 6.42
N VAL B 207 -15.34 9.78 6.08
CA VAL B 207 -14.19 9.04 6.64
C VAL B 207 -14.22 9.20 8.17
N ILE B 208 -14.41 10.41 8.69
CA ILE B 208 -14.45 10.60 10.16
C ILE B 208 -15.59 9.78 10.74
N MET B 209 -16.76 9.82 10.15
CA MET B 209 -17.91 9.00 10.63
C MET B 209 -17.49 7.54 10.69
N GLY B 210 -16.82 7.02 9.65
CA GLY B 210 -16.42 5.61 9.68
C GLY B 210 -15.37 5.37 10.74
N CYS B 211 -14.39 6.26 10.90
CA CYS B 211 -13.34 5.98 11.93
C CYS B 211 -14.00 5.94 13.32
N LYS B 212 -14.97 6.80 13.56
CA LYS B 212 -15.67 6.86 14.86
C LYS B 212 -16.50 5.57 15.02
N ALA B 213 -17.17 5.14 13.97
CA ALA B 213 -17.99 3.91 14.01
C ALA B 213 -17.10 2.70 14.34
N ALA B 214 -15.86 2.71 13.87
CA ALA B 214 -14.87 1.63 14.06
C ALA B 214 -14.20 1.72 15.43
N GLY B 215 -14.49 2.75 16.20
CA GLY B 215 -14.01 2.84 17.58
C GLY B 215 -12.64 3.47 17.70
N ALA B 216 -12.17 4.24 16.71
CA ALA B 216 -10.91 5.01 16.86
C ALA B 216 -10.94 5.82 18.15
N ALA B 217 -9.81 5.90 18.84
CA ALA B 217 -9.73 6.74 20.08
C ALA B 217 -9.45 8.20 19.73
N ARG B 218 -8.70 8.45 18.64
CA ARG B 218 -8.29 9.81 18.25
C ARG B 218 -8.52 9.90 16.75
N ILE B 219 -9.11 11.01 16.33
CA ILE B 219 -9.38 11.29 14.91
C ILE B 219 -8.95 12.73 14.68
N ILE B 220 -7.82 12.93 14.03
CA ILE B 220 -7.22 14.27 13.83
C ILE B 220 -7.64 14.73 12.45
N GLY B 221 -8.46 15.77 12.34
CA GLY B 221 -8.86 16.38 11.07
C GLY B 221 -7.80 17.34 10.62
N VAL B 222 -7.46 17.34 9.35
CA VAL B 222 -6.45 18.26 8.78
C VAL B 222 -7.12 19.01 7.64
N ASP B 223 -7.10 20.33 7.67
CA ASP B 223 -7.63 21.16 6.56
C ASP B 223 -7.02 22.53 6.62
N ILE B 224 -6.77 23.14 5.47
CA ILE B 224 -6.28 24.57 5.42
C ILE B 224 -7.42 25.55 5.63
N ASN B 225 -8.65 25.10 5.63
CA ASN B 225 -9.83 25.96 5.83
C ASN B 225 -10.36 25.68 7.24
N LYS B 226 -10.04 26.52 8.21
CA LYS B 226 -10.44 26.25 9.60
C LYS B 226 -11.97 26.29 9.82
N ASP B 227 -12.72 26.86 8.87
CA ASP B 227 -14.19 26.90 8.96
C ASP B 227 -14.76 25.47 8.91
N LYS B 228 -13.96 24.49 8.46
CA LYS B 228 -14.38 23.08 8.34
C LYS B 228 -14.27 22.35 9.67
N PHE B 229 -13.64 22.95 10.68
CA PHE B 229 -13.26 22.21 11.90
C PHE B 229 -14.46 21.93 12.79
N ALA B 230 -15.40 22.87 12.89
CA ALA B 230 -16.56 22.71 13.81
C ALA B 230 -17.34 21.44 13.43
N LYS B 231 -17.67 21.29 12.14
CA LYS B 231 -18.48 20.14 11.70
C LYS B 231 -17.66 18.84 11.81
N ALA B 232 -16.35 18.91 11.53
CA ALA B 232 -15.49 17.71 11.71
C ALA B 232 -15.56 17.21 13.17
N LYS B 233 -15.50 18.10 14.14
CA LYS B 233 -15.64 17.73 15.56
C LYS B 233 -17.05 17.18 15.86
N GLU B 234 -18.11 17.76 15.29
CA GLU B 234 -19.48 17.25 15.52
C GLU B 234 -19.59 15.78 15.13
N VAL B 235 -18.95 15.39 14.02
CA VAL B 235 -19.12 14.00 13.54
C VAL B 235 -18.00 13.08 14.04
N GLY B 236 -17.07 13.57 14.84
CA GLY B 236 -16.17 12.68 15.60
C GLY B 236 -14.72 13.08 15.65
N ALA B 237 -14.27 14.15 14.98
CA ALA B 237 -12.85 14.52 15.11
C ALA B 237 -12.59 14.86 16.59
N THR B 238 -11.47 14.41 17.12
CA THR B 238 -11.06 14.73 18.52
C THR B 238 -10.23 15.99 18.55
N GLU B 239 -9.62 16.36 17.45
CA GLU B 239 -8.65 17.47 17.30
CA GLU B 239 -8.77 17.56 17.32
C GLU B 239 -8.69 17.88 15.82
N CYS B 240 -8.40 19.12 15.48
CA CYS B 240 -8.23 19.59 14.08
C CYS B 240 -6.98 20.46 14.02
N VAL B 241 -6.25 20.33 12.93
CA VAL B 241 -5.03 21.12 12.72
C VAL B 241 -5.04 21.70 11.33
N ASN B 242 -4.57 22.92 11.22
CA ASN B 242 -4.40 23.63 9.95
C ASN B 242 -2.91 23.71 9.65
N PRO B 243 -2.39 23.04 8.60
CA PRO B 243 -0.97 23.11 8.28
C PRO B 243 -0.42 24.54 8.19
N GLN B 244 -1.27 25.49 7.81
CA GLN B 244 -0.82 26.90 7.65
C GLN B 244 -0.45 27.50 9.00
N ASP B 245 -0.88 26.91 10.11
CA ASP B 245 -0.58 27.43 11.47
C ASP B 245 0.82 27.06 11.93
N TYR B 246 1.54 26.18 11.24
CA TYR B 246 2.79 25.57 11.73
C TYR B 246 3.99 26.02 10.90
N LYS B 247 5.12 26.12 11.57
CA LYS B 247 6.40 26.40 10.87
CA LYS B 247 6.43 26.39 10.90
C LYS B 247 6.89 25.08 10.23
C LYS B 247 7.23 25.12 10.64
N LYS B 248 6.64 23.95 10.86
N LYS B 248 6.60 23.96 10.74
CA LYS B 248 7.14 22.62 10.42
C LYS B 248 6.13 21.95 9.48
N PRO B 249 6.59 21.05 8.59
CA PRO B 249 5.66 20.30 7.76
C PRO B 249 4.67 19.48 8.61
N ILE B 250 3.44 19.35 8.13
CA ILE B 250 2.38 18.76 8.98
C ILE B 250 2.68 17.27 9.23
N GLN B 251 3.42 16.55 8.37
CA GLN B 251 3.75 15.14 8.69
C GLN B 251 4.53 15.09 10.01
N GLU B 252 5.42 16.07 10.24
CA GLU B 252 6.24 16.10 11.48
C GLU B 252 5.33 16.43 12.67
N VAL B 253 4.42 17.38 12.47
CA VAL B 253 3.45 17.76 13.52
C VAL B 253 2.62 16.54 13.91
N LEU B 254 2.08 15.82 12.94
CA LEU B 254 1.19 14.68 13.21
C LEU B 254 1.99 13.52 13.80
N THR B 255 3.24 13.29 13.38
CA THR B 255 4.10 12.24 13.99
C THR B 255 4.31 12.56 15.47
N GLU B 256 4.59 13.82 15.79
CA GLU B 256 4.80 14.22 17.20
C GLU B 256 3.49 14.05 17.98
N MET B 257 2.37 14.49 17.42
CA MET B 257 1.07 14.47 18.14
C MET B 257 0.68 13.03 18.51
N SER B 258 1.01 12.12 17.60
CA SER B 258 0.66 10.69 17.76
C SER B 258 1.81 9.90 18.35
N ASN B 259 2.82 10.55 18.93
CA ASN B 259 3.90 9.85 19.65
C ASN B 259 4.54 8.80 18.72
N GLY B 260 4.78 9.17 17.46
CA GLY B 260 5.60 8.36 16.55
C GLY B 260 4.87 7.98 15.28
N GLY B 261 3.70 8.51 15.00
CA GLY B 261 2.98 8.24 13.73
C GLY B 261 1.60 7.68 14.01
N VAL B 262 0.66 7.97 13.13
CA VAL B 262 -0.75 7.54 13.28
C VAL B 262 -0.90 6.08 12.82
N ASP B 263 -1.98 5.43 13.24
CA ASP B 263 -2.30 4.06 12.80
C ASP B 263 -2.84 4.10 11.38
N PHE B 264 -3.69 5.07 11.08
CA PHE B 264 -4.39 5.18 9.79
C PHE B 264 -4.43 6.61 9.35
N SER B 265 -4.02 6.87 8.13
CA SER B 265 -4.19 8.20 7.52
C SER B 265 -4.97 8.07 6.21
N PHE B 266 -5.67 9.12 5.87
CA PHE B 266 -6.55 9.19 4.68
C PHE B 266 -6.29 10.50 3.95
N GLU B 267 -6.01 10.41 2.65
CA GLU B 267 -5.91 11.61 1.81
C GLU B 267 -7.27 11.77 1.16
N VAL B 268 -7.96 12.86 1.47
CA VAL B 268 -9.33 13.09 0.96
C VAL B 268 -9.44 14.47 0.32
N ILE B 269 -8.45 14.82 -0.50
CA ILE B 269 -8.31 16.18 -1.10
C ILE B 269 -8.13 15.99 -2.59
N GLY B 270 -7.11 15.24 -2.98
CA GLY B 270 -6.74 15.07 -4.40
C GLY B 270 -5.49 15.84 -4.79
N ARG B 271 -4.52 16.04 -3.89
CA ARG B 271 -3.23 16.68 -4.23
C ARG B 271 -2.11 15.65 -4.08
N LEU B 272 -1.13 15.72 -4.97
CA LEU B 272 0.02 14.81 -4.91
C LEU B 272 0.75 15.07 -3.58
N ASP B 273 0.93 16.33 -3.19
CA ASP B 273 1.77 16.62 -2.00
C ASP B 273 1.13 16.02 -0.74
N THR B 274 -0.16 16.16 -0.58
CA THR B 274 -0.87 15.64 0.62
C THR B 274 -0.91 14.12 0.56
N MET B 275 -0.93 13.52 -0.63
CA MET B 275 -0.85 12.04 -0.67
C MET B 275 0.46 11.57 -0.05
N VAL B 276 1.58 12.22 -0.39
CA VAL B 276 2.88 11.82 0.22
C VAL B 276 2.89 12.17 1.72
N THR B 277 2.42 13.37 2.11
CA THR B 277 2.37 13.82 3.53
C THR B 277 1.56 12.79 4.32
N ALA B 278 0.39 12.38 3.81
CA ALA B 278 -0.48 11.42 4.52
C ALA B 278 0.26 10.11 4.70
N LEU B 279 0.97 9.64 3.67
CA LEU B 279 1.71 8.38 3.86
C LEU B 279 2.76 8.57 4.96
N SER B 280 3.52 9.65 4.88
CA SER B 280 4.64 9.85 5.81
C SER B 280 4.17 9.94 7.25
N CYS B 281 2.99 10.49 7.51
CA CYS B 281 2.54 10.71 8.90
C CYS B 281 2.04 9.41 9.55
N CYS B 282 1.84 8.34 8.81
N CYS B 282 1.92 8.35 8.76
CA CYS B 282 1.44 7.05 9.42
CA CYS B 282 1.64 7.01 9.32
C CYS B 282 2.71 6.35 9.93
C CYS B 282 2.86 6.49 10.04
N GLN B 283 2.55 5.58 11.02
N GLN B 283 2.60 5.60 10.99
CA GLN B 283 3.69 4.96 11.73
C GLN B 283 4.48 4.10 10.73
N GLU B 284 5.79 4.16 10.79
CA GLU B 284 6.67 3.64 9.71
C GLU B 284 6.64 2.12 9.64
N ALA B 285 6.38 1.44 10.74
CA ALA B 285 6.41 -0.03 10.80
C ALA B 285 5.05 -0.65 10.49
N TYR B 286 3.95 -0.05 10.91
CA TYR B 286 2.64 -0.73 10.82
C TYR B 286 1.55 0.25 10.40
N GLY B 287 1.86 1.48 10.02
CA GLY B 287 0.83 2.42 9.60
C GLY B 287 0.23 2.04 8.26
N VAL B 288 -0.99 2.51 8.02
CA VAL B 288 -1.75 2.32 6.76
C VAL B 288 -2.20 3.70 6.31
N SER B 289 -1.98 3.99 5.04
CA SER B 289 -2.46 5.25 4.43
C SER B 289 -3.34 4.91 3.24
N VAL B 290 -4.51 5.52 3.18
CA VAL B 290 -5.49 5.31 2.08
C VAL B 290 -5.63 6.57 1.28
N ILE B 291 -5.41 6.46 -0.03
CA ILE B 291 -5.73 7.55 -0.98
C ILE B 291 -7.18 7.50 -1.41
N VAL B 292 -7.94 8.51 -1.11
CA VAL B 292 -9.36 8.65 -1.54
C VAL B 292 -9.44 9.77 -2.56
N GLY B 293 -8.68 10.86 -2.39
CA GLY B 293 -8.77 12.00 -3.33
C GLY B 293 -8.38 11.59 -4.75
N VAL B 294 -8.97 12.30 -5.72
CA VAL B 294 -8.68 12.01 -7.15
C VAL B 294 -7.57 12.96 -7.55
N PRO B 295 -6.38 12.40 -7.88
CA PRO B 295 -5.24 13.23 -8.25
C PRO B 295 -5.38 13.83 -9.66
N PRO B 296 -4.65 14.91 -9.91
CA PRO B 296 -4.80 15.62 -11.18
C PRO B 296 -4.27 14.80 -12.35
N ASP B 297 -4.94 14.90 -13.49
CA ASP B 297 -4.72 14.02 -14.65
C ASP B 297 -3.26 14.07 -15.11
N SER B 298 -2.68 12.88 -15.35
CA SER B 298 -1.36 12.71 -16.00
C SER B 298 -0.23 13.24 -15.14
N GLN B 299 -0.38 13.42 -13.83
CA GLN B 299 0.70 13.96 -12.98
C GLN B 299 1.18 12.84 -12.07
N ASN B 300 2.49 12.70 -11.97
CA ASN B 300 3.14 11.70 -11.10
C ASN B 300 3.54 12.39 -9.82
N LEU B 301 3.49 11.66 -8.71
CA LEU B 301 4.11 12.11 -7.45
C LEU B 301 5.53 11.56 -7.38
N SER B 302 6.29 12.16 -6.48
CA SER B 302 7.65 11.73 -6.16
C SER B 302 7.64 11.30 -4.70
N MET B 303 8.21 10.14 -4.39
CA MET B 303 8.26 9.68 -2.99
C MET B 303 9.49 8.78 -2.80
N ASN B 304 9.85 8.63 -1.53
CA ASN B 304 11.02 7.85 -1.10
C ASN B 304 10.48 6.47 -0.75
N PRO B 305 10.81 5.42 -1.52
CA PRO B 305 10.28 4.10 -1.23
C PRO B 305 10.72 3.52 0.12
N MET B 306 11.75 4.06 0.78
CA MET B 306 12.09 3.66 2.16
C MET B 306 10.88 3.86 3.08
N LEU B 307 9.96 4.76 2.72
CA LEU B 307 8.72 4.93 3.55
C LEU B 307 7.94 3.61 3.62
N LEU B 308 7.95 2.87 2.52
CA LEU B 308 7.24 1.58 2.44
C LEU B 308 8.12 0.45 3.00
N LEU B 309 9.42 0.44 2.70
CA LEU B 309 10.30 -0.67 3.08
C LEU B 309 10.25 -0.88 4.60
N SER B 310 10.12 0.18 5.43
CA SER B 310 10.04 -0.01 6.91
C SER B 310 8.78 -0.75 7.37
N GLY B 311 7.73 -0.78 6.56
CA GLY B 311 6.51 -1.55 6.90
C GLY B 311 5.21 -0.86 6.60
N ARG B 312 5.17 0.38 6.15
CA ARG B 312 3.90 1.06 5.79
C ARG B 312 3.18 0.32 4.68
N THR B 313 1.86 0.43 4.74
CA THR B 313 0.91 0.02 3.69
C THR B 313 0.30 1.25 3.05
N TRP B 314 0.29 1.29 1.72
CA TRP B 314 -0.27 2.43 0.95
C TRP B 314 -1.31 1.84 0.03
N LYS B 315 -2.51 2.28 0.07
CA LYS B 315 -3.55 1.75 -0.83
CA LYS B 315 -3.54 1.80 -0.87
C LYS B 315 -4.57 2.83 -1.18
C LYS B 315 -4.43 2.96 -1.30
N GLY B 316 -5.29 2.68 -2.28
CA GLY B 316 -6.35 3.63 -2.66
C GLY B 316 -7.60 2.82 -2.90
N ALA B 317 -8.69 3.53 -3.13
CA ALA B 317 -9.96 2.85 -3.49
C ALA B 317 -10.92 3.83 -4.12
N ILE B 318 -11.78 3.27 -4.95
CA ILE B 318 -12.97 3.95 -5.48
C ILE B 318 -14.18 3.48 -4.69
N PHE B 319 -15.05 4.44 -4.36
CA PHE B 319 -16.37 4.14 -3.74
C PHE B 319 -16.19 3.30 -2.46
N GLY B 320 -15.17 3.61 -1.67
CA GLY B 320 -15.01 3.03 -0.33
C GLY B 320 -14.80 1.52 -0.36
N GLY B 321 -14.37 0.96 -1.52
CA GLY B 321 -14.19 -0.49 -1.68
C GLY B 321 -15.46 -1.29 -1.77
N PHE B 322 -16.64 -0.65 -1.72
CA PHE B 322 -17.94 -1.35 -1.74
C PHE B 322 -18.20 -1.93 -3.12
N LYS B 323 -18.60 -3.20 -3.18
CA LYS B 323 -19.24 -3.76 -4.39
C LYS B 323 -20.57 -3.02 -4.50
N SER B 324 -20.76 -2.28 -5.56
CA SER B 324 -21.72 -1.16 -5.59
C SER B 324 -23.17 -1.63 -5.54
N LYS B 325 -23.53 -2.62 -6.34
CA LYS B 325 -24.96 -3.05 -6.42
C LYS B 325 -25.33 -3.89 -5.19
N ASP B 326 -24.40 -4.68 -4.65
CA ASP B 326 -24.71 -5.40 -3.39
C ASP B 326 -24.86 -4.38 -2.26
N SER B 327 -23.99 -3.37 -2.22
CA SER B 327 -23.80 -2.55 -0.99
C SER B 327 -24.82 -1.41 -0.89
N VAL B 328 -25.11 -0.75 -2.00
CA VAL B 328 -25.96 0.45 -1.95
C VAL B 328 -27.32 0.18 -1.30
N PRO B 329 -28.06 -0.89 -1.64
CA PRO B 329 -29.33 -1.09 -0.96
C PRO B 329 -29.15 -1.34 0.53
N LYS B 330 -28.08 -2.01 0.92
CA LYS B 330 -27.82 -2.34 2.34
CA LYS B 330 -27.81 -2.34 2.34
C LYS B 330 -27.51 -1.04 3.08
N LEU B 331 -26.68 -0.17 2.48
CA LEU B 331 -26.39 1.15 3.10
C LEU B 331 -27.70 1.94 3.29
N VAL B 332 -28.58 1.95 2.30
CA VAL B 332 -29.87 2.67 2.45
C VAL B 332 -30.66 2.03 3.60
N ALA B 333 -30.72 0.69 3.67
CA ALA B 333 -31.45 -0.01 4.76
C ALA B 333 -30.84 0.40 6.09
N ASP B 334 -29.52 0.48 6.16
CA ASP B 334 -28.83 0.84 7.42
C ASP B 334 -29.16 2.30 7.78
N PHE B 335 -29.19 3.20 6.81
CA PHE B 335 -29.61 4.59 7.06
C PHE B 335 -31.04 4.60 7.61
N MET B 336 -31.96 3.88 6.99
CA MET B 336 -33.39 3.83 7.43
CA MET B 336 -33.36 3.93 7.48
C MET B 336 -33.47 3.29 8.87
N ALA B 337 -32.55 2.40 9.25
CA ALA B 337 -32.45 1.83 10.61
C ALA B 337 -31.59 2.69 11.56
N LYS B 338 -31.28 3.93 11.20
CA LYS B 338 -30.54 4.93 11.98
C LYS B 338 -29.14 4.47 12.36
N LYS B 339 -28.47 3.68 11.53
CA LYS B 339 -27.10 3.18 11.84
C LYS B 339 -26.06 4.25 11.55
N PHE B 340 -26.39 5.26 10.75
CA PHE B 340 -25.52 6.42 10.50
C PHE B 340 -26.40 7.59 10.10
N ALA B 341 -25.83 8.77 10.12
CA ALA B 341 -26.47 10.07 9.81
C ALA B 341 -25.94 10.64 8.49
N LEU B 342 -26.83 11.25 7.70
CA LEU B 342 -26.46 11.97 6.46
C LEU B 342 -26.66 13.47 6.59
N ASP B 343 -27.56 13.93 7.48
CA ASP B 343 -27.83 15.37 7.59
C ASP B 343 -26.57 16.20 7.86
N PRO B 344 -25.58 15.75 8.67
CA PRO B 344 -24.40 16.56 8.90
C PRO B 344 -23.60 16.90 7.62
N LEU B 345 -23.77 16.11 6.57
CA LEU B 345 -23.07 16.39 5.30
C LEU B 345 -23.79 17.46 4.47
N ILE B 346 -25.09 17.64 4.72
CA ILE B 346 -25.92 18.50 3.83
C ILE B 346 -25.96 19.89 4.43
N THR B 347 -25.39 20.85 3.72
CA THR B 347 -25.32 22.25 4.19
C THR B 347 -26.31 23.13 3.42
N HIS B 348 -26.74 22.70 2.25
CA HIS B 348 -27.49 23.52 1.28
C HIS B 348 -28.39 22.59 0.48
N VAL B 349 -29.63 23.03 0.22
CA VAL B 349 -30.57 22.26 -0.63
C VAL B 349 -31.15 23.28 -1.61
N LEU B 350 -30.87 23.14 -2.91
CA LEU B 350 -31.19 24.13 -3.96
C LEU B 350 -31.96 23.43 -5.06
N PRO B 351 -32.83 24.17 -5.76
CA PRO B 351 -33.39 23.61 -6.97
C PRO B 351 -32.29 23.36 -8.00
N PHE B 352 -32.53 22.38 -8.86
CA PHE B 352 -31.60 21.97 -9.94
C PHE B 352 -31.14 23.15 -10.81
N GLU B 353 -32.08 24.08 -11.06
CA GLU B 353 -31.85 25.31 -11.86
C GLU B 353 -30.72 26.15 -11.26
N LYS B 354 -30.36 25.96 -9.97
CA LYS B 354 -29.29 26.72 -9.29
C LYS B 354 -27.99 25.89 -9.24
N ILE B 355 -27.81 24.97 -10.19
CA ILE B 355 -26.59 24.13 -10.19
C ILE B 355 -25.34 25.01 -10.15
N ASN B 356 -25.22 26.04 -10.96
CA ASN B 356 -24.00 26.88 -10.97
C ASN B 356 -23.74 27.51 -9.59
N GLU B 357 -24.80 28.00 -8.95
CA GLU B 357 -24.68 28.60 -7.59
C GLU B 357 -24.19 27.51 -6.63
N GLY B 358 -24.65 26.28 -6.80
CA GLY B 358 -24.19 25.16 -5.95
C GLY B 358 -22.71 24.89 -6.12
N PHE B 359 -22.24 24.91 -7.36
CA PHE B 359 -20.79 24.72 -7.59
C PHE B 359 -20.01 25.89 -6.99
N ASP B 360 -20.53 27.12 -7.09
CA ASP B 360 -19.81 28.29 -6.54
C ASP B 360 -19.74 28.14 -5.02
N LEU B 361 -20.77 27.59 -4.37
CA LEU B 361 -20.67 27.35 -2.90
C LEU B 361 -19.52 26.38 -2.63
N LEU B 362 -19.38 25.31 -3.41
CA LEU B 362 -18.31 24.33 -3.12
C LEU B 362 -16.96 25.03 -3.32
N ARG B 363 -16.79 25.71 -4.45
CA ARG B 363 -15.49 26.30 -4.81
C ARG B 363 -15.07 27.34 -3.77
N SER B 364 -16.04 28.05 -3.17
CA SER B 364 -15.73 29.14 -2.24
C SER B 364 -15.39 28.61 -0.85
N GLY B 365 -15.53 27.31 -0.60
CA GLY B 365 -15.30 26.73 0.74
C GLY B 365 -16.52 26.78 1.64
N GLU B 366 -17.66 27.31 1.15
CA GLU B 366 -18.82 27.57 2.05
CA GLU B 366 -18.86 27.66 1.97
C GLU B 366 -19.52 26.25 2.36
C GLU B 366 -19.80 26.45 2.17
N SER B 367 -19.70 25.39 1.36
CA SER B 367 -20.60 24.21 1.50
C SER B 367 -19.80 22.94 1.79
N ILE B 368 -20.52 21.95 2.30
CA ILE B 368 -20.10 20.52 2.28
C ILE B 368 -20.83 19.89 1.09
N ARG B 369 -22.02 19.35 1.27
CA ARG B 369 -22.85 18.89 0.12
C ARG B 369 -23.99 19.89 -0.04
N THR B 370 -24.12 20.36 -1.25
CA THR B 370 -25.38 20.90 -1.78
C THR B 370 -26.12 19.77 -2.45
N ILE B 371 -27.39 19.59 -2.11
CA ILE B 371 -28.32 18.68 -2.79
C ILE B 371 -29.17 19.54 -3.73
N LEU B 372 -29.14 19.20 -5.01
CA LEU B 372 -30.04 19.82 -6.01
C LEU B 372 -31.30 18.97 -6.16
N THR B 373 -32.45 19.63 -6.14
CA THR B 373 -33.74 18.95 -6.24
C THR B 373 -34.40 19.25 -7.57
N PHE B 374 -34.91 18.22 -8.24
CA PHE B 374 -35.49 18.36 -9.59
C PHE B 374 -36.91 18.89 -9.46
#